data_7UX5
#
_entry.id   7UX5
#
_cell.length_a   76.477
_cell.length_b   77.882
_cell.length_c   127.747
_cell.angle_alpha   90.000
_cell.angle_beta   90.000
_cell.angle_gamma   90.000
#
_symmetry.space_group_name_H-M   'P 21 21 21'
#
loop_
_entity.id
_entity.type
_entity.pdbx_description
1 polymer 'Programmed cell death 1 ligand 1'
2 polymer 'Helicon FP28136'
3 non-polymer "N,N'-(1,4-phenylene)diacetamide"
#
loop_
_entity_poly.entity_id
_entity_poly.type
_entity_poly.pdbx_seq_one_letter_code
_entity_poly.pdbx_strand_id
1 'polypeptide(L)'
;MAFTVTVPKDLYVVEYGSNMTIECKFPVEKQLDLAALIVYWEMEDKNIIQFVHGEEDLKVQHSSYRQRARLLKDQLSLGN
AALQITDVKLQDAGVYRCMISYGGADYKRITVKVNAPYAAALEHHHHHH
;
A,C,E,G,I,K
2 'polypeptide(L)' DPALWQCVFAARYCYEE B,D,F,H,J,L
#
# COMPACT_ATOMS: atom_id res chain seq x y z
N ALA A 2 19.08 -11.41 -17.60
CA ALA A 2 18.42 -11.20 -18.87
C ALA A 2 18.07 -9.72 -19.05
N PHE A 3 16.77 -9.42 -19.06
CA PHE A 3 16.29 -8.05 -19.23
C PHE A 3 15.71 -7.61 -17.90
N THR A 4 16.36 -6.65 -17.24
CA THR A 4 15.88 -6.09 -15.97
C THR A 4 15.57 -4.61 -16.11
N VAL A 5 14.45 -4.18 -15.53
CA VAL A 5 14.13 -2.76 -15.38
C VAL A 5 14.36 -2.35 -13.94
N THR A 6 15.05 -1.23 -13.75
CA THR A 6 15.36 -0.74 -12.42
C THR A 6 14.67 0.59 -12.20
N VAL A 7 14.47 0.92 -10.92
CA VAL A 7 13.97 2.22 -10.51
C VAL A 7 14.98 2.83 -9.54
N PRO A 8 15.36 4.10 -9.70
CA PRO A 8 16.28 4.72 -8.74
C PRO A 8 15.75 4.69 -7.32
N LYS A 9 14.57 5.25 -7.09
CA LYS A 9 13.88 5.06 -5.82
C LYS A 9 12.55 4.37 -6.07
N ASP A 10 12.01 3.75 -5.03
CA ASP A 10 10.78 3.00 -5.18
C ASP A 10 9.60 3.68 -4.51
N LEU A 11 9.81 4.87 -3.95
CA LEU A 11 8.77 5.63 -3.25
C LEU A 11 9.03 7.11 -3.50
N TYR A 12 8.05 7.84 -4.02
CA TYR A 12 8.20 9.28 -4.17
C TYR A 12 7.16 10.01 -3.32
N VAL A 13 7.63 10.93 -2.48
CA VAL A 13 6.75 11.82 -1.72
C VAL A 13 6.82 13.22 -2.32
N VAL A 14 5.69 13.71 -2.83
CA VAL A 14 5.68 14.96 -3.58
C VAL A 14 4.61 15.87 -3.00
N GLU A 15 4.83 17.19 -3.11
CA GLU A 15 3.87 18.18 -2.63
C GLU A 15 2.82 18.45 -3.69
N TYR A 16 1.57 18.60 -3.26
CA TYR A 16 0.49 19.00 -4.15
C TYR A 16 0.84 20.25 -4.94
N GLY A 17 0.54 20.20 -6.24
CA GLY A 17 0.75 21.29 -7.17
C GLY A 17 2.13 21.36 -7.77
N SER A 18 3.06 20.52 -7.32
CA SER A 18 4.40 20.47 -7.90
C SER A 18 4.37 19.64 -9.17
N ASN A 19 5.52 19.55 -9.84
CA ASN A 19 5.74 18.61 -10.93
C ASN A 19 6.61 17.48 -10.43
N MET A 20 6.29 16.24 -10.81
CA MET A 20 7.12 15.13 -10.39
C MET A 20 7.63 14.39 -11.63
N THR A 21 8.83 13.84 -11.49
CA THR A 21 9.42 12.98 -12.50
C THR A 21 9.84 11.69 -11.85
N ILE A 22 9.25 10.58 -12.28
CA ILE A 22 9.59 9.26 -11.79
C ILE A 22 10.25 8.50 -12.93
N GLU A 23 11.22 7.65 -12.59
CA GLU A 23 12.13 7.11 -13.59
C GLU A 23 12.19 5.60 -13.50
N CYS A 24 12.30 4.98 -14.67
CA CYS A 24 12.63 3.56 -14.79
C CYS A 24 13.79 3.39 -15.74
N LYS A 25 14.76 2.58 -15.34
CA LYS A 25 15.92 2.36 -16.18
C LYS A 25 15.80 0.97 -16.78
N PHE A 26 16.31 0.82 -17.98
CA PHE A 26 16.30 -0.43 -18.72
C PHE A 26 17.59 -0.53 -19.51
N PRO A 27 17.99 -1.75 -19.89
CA PRO A 27 19.31 -1.95 -20.50
C PRO A 27 19.31 -1.55 -21.97
N VAL A 28 20.31 -0.76 -22.36
CA VAL A 28 20.50 -0.37 -23.75
C VAL A 28 21.97 -0.58 -24.08
N GLU A 29 22.22 -1.41 -25.10
CA GLU A 29 23.57 -1.91 -25.36
C GLU A 29 24.40 -0.88 -26.10
N LYS A 30 23.99 -0.55 -27.33
CA LYS A 30 24.64 0.53 -28.03
C LYS A 30 23.63 1.63 -28.29
N GLN A 31 23.31 1.81 -29.56
CA GLN A 31 22.33 2.85 -29.92
C GLN A 31 20.98 2.36 -29.43
N LEU A 32 19.92 2.75 -30.09
CA LEU A 32 18.61 2.39 -29.57
C LEU A 32 17.75 1.97 -30.74
N ASP A 33 17.10 0.81 -30.59
CA ASP A 33 16.15 0.29 -31.58
C ASP A 33 14.74 0.73 -31.20
N LEU A 34 14.29 1.86 -31.75
CA LEU A 34 12.98 2.37 -31.37
C LEU A 34 11.86 1.44 -31.83
N ALA A 35 12.10 0.68 -32.90
CA ALA A 35 11.12 -0.32 -33.32
C ALA A 35 10.88 -1.32 -32.20
N ALA A 36 11.92 -1.63 -31.44
CA ALA A 36 11.88 -2.67 -30.44
C ALA A 36 11.26 -2.19 -29.15
N LEU A 37 11.24 -0.88 -28.92
CA LEU A 37 10.94 -0.35 -27.60
C LEU A 37 9.44 -0.24 -27.39
N ILE A 38 8.98 -0.77 -26.26
CA ILE A 38 7.61 -0.65 -25.79
C ILE A 38 7.64 -0.16 -24.35
N VAL A 39 6.89 0.91 -24.07
CA VAL A 39 6.76 1.47 -22.72
C VAL A 39 5.28 1.63 -22.36
N TYR A 40 4.91 1.22 -21.15
CA TYR A 40 3.57 1.44 -20.62
C TYR A 40 3.67 1.94 -19.19
N TRP A 41 3.04 3.08 -18.91
CA TRP A 41 2.89 3.55 -17.54
C TRP A 41 1.44 3.46 -17.09
N GLU A 42 1.22 2.88 -15.91
CA GLU A 42 -0.11 2.70 -15.36
C GLU A 42 -0.03 3.05 -13.89
N MET A 43 -1.11 3.59 -13.35
CA MET A 43 -1.26 3.71 -11.91
C MET A 43 -2.68 3.34 -11.56
N GLU A 44 -2.85 2.49 -10.56
CA GLU A 44 -4.19 2.11 -10.09
C GLU A 44 -4.87 1.49 -11.30
N ASP A 45 -6.10 1.87 -11.65
CA ASP A 45 -6.75 1.34 -12.84
C ASP A 45 -6.79 2.34 -13.99
N LYS A 46 -5.86 3.28 -14.01
CA LYS A 46 -5.84 4.39 -14.96
C LYS A 46 -4.73 4.16 -15.98
N ASN A 47 -5.06 4.26 -17.27
CA ASN A 47 -4.06 4.18 -18.34
C ASN A 47 -3.30 5.50 -18.44
N ILE A 48 -2.01 5.50 -18.08
CA ILE A 48 -1.25 6.75 -18.15
C ILE A 48 -0.61 6.91 -19.53
N ILE A 49 0.27 5.98 -19.90
CA ILE A 49 1.13 6.10 -21.08
C ILE A 49 1.17 4.78 -21.84
N GLN A 50 0.88 4.82 -23.14
CA GLN A 50 1.09 3.67 -24.02
C GLN A 50 2.02 4.09 -25.15
N PHE A 51 3.25 3.58 -25.11
CA PHE A 51 4.26 3.84 -26.12
C PHE A 51 4.72 2.48 -26.63
N VAL A 52 4.62 2.26 -27.93
CA VAL A 52 4.98 0.93 -28.44
C VAL A 52 5.45 1.02 -29.88
N HIS A 53 6.45 0.17 -30.20
CA HIS A 53 7.02 0.10 -31.54
C HIS A 53 7.37 1.49 -32.07
N GLY A 54 7.92 2.32 -31.20
CA GLY A 54 8.35 3.61 -31.70
C GLY A 54 7.27 4.65 -31.86
N GLU A 55 6.04 4.42 -31.37
CA GLU A 55 4.98 5.40 -31.61
C GLU A 55 4.22 5.62 -30.31
N GLU A 56 3.79 6.86 -30.09
CA GLU A 56 2.86 7.23 -29.02
C GLU A 56 1.42 6.87 -29.32
N ASP A 57 0.66 6.63 -28.26
CA ASP A 57 -0.79 6.50 -28.33
C ASP A 57 -1.42 7.30 -27.19
N LEU A 58 -2.08 8.42 -27.50
CA LEU A 58 -2.71 9.22 -26.44
C LEU A 58 -4.20 8.97 -26.26
N LYS A 59 -4.87 8.36 -27.24
CA LYS A 59 -6.31 8.15 -27.09
C LYS A 59 -6.61 7.20 -25.94
N VAL A 60 -5.70 6.26 -25.67
CA VAL A 60 -5.88 5.29 -24.59
C VAL A 60 -5.65 5.90 -23.21
N GLN A 61 -4.97 7.04 -23.14
CA GLN A 61 -4.64 7.65 -21.87
C GLN A 61 -5.90 8.00 -21.07
N HIS A 62 -5.84 7.76 -19.77
CA HIS A 62 -6.96 8.11 -18.89
C HIS A 62 -7.18 9.61 -18.94
N SER A 63 -8.44 10.02 -18.91
CA SER A 63 -8.72 11.44 -19.09
C SER A 63 -8.12 12.31 -18.00
N SER A 64 -7.96 11.79 -16.78
CA SER A 64 -7.38 12.66 -15.75
C SER A 64 -5.93 13.08 -16.04
N TYR A 65 -5.22 12.33 -16.88
CA TYR A 65 -3.83 12.66 -17.18
C TYR A 65 -3.65 13.37 -18.51
N ARG A 66 -4.72 13.60 -19.25
CA ARG A 66 -4.56 14.20 -20.56
C ARG A 66 -3.90 15.57 -20.44
N GLN A 67 -2.85 15.78 -21.24
CA GLN A 67 -2.10 17.04 -21.27
C GLN A 67 -1.42 17.37 -19.95
N ARG A 68 -1.64 16.54 -18.92
CA ARG A 68 -0.99 16.69 -17.64
C ARG A 68 0.18 15.74 -17.44
N ALA A 69 0.23 14.65 -18.19
CA ALA A 69 1.23 13.59 -18.05
C ALA A 69 1.80 13.21 -19.42
N ARG A 70 3.13 13.07 -19.47
CA ARG A 70 3.75 12.65 -20.73
C ARG A 70 5.06 11.94 -20.41
N LEU A 71 5.48 11.09 -21.34
CA LEU A 71 6.71 10.33 -21.21
C LEU A 71 7.87 11.14 -21.79
N LEU A 72 8.96 11.23 -21.02
CA LEU A 72 10.11 12.05 -21.41
C LEU A 72 10.98 11.21 -22.35
N LYS A 73 10.83 11.46 -23.66
CA LYS A 73 11.46 10.59 -24.66
C LYS A 73 12.98 10.66 -24.66
N ASP A 74 13.56 11.87 -24.70
CA ASP A 74 14.97 11.98 -25.07
C ASP A 74 15.92 11.24 -24.14
N GLN A 75 15.46 10.84 -22.95
CA GLN A 75 16.24 10.01 -22.04
C GLN A 75 16.19 8.53 -22.43
N LEU A 76 15.22 8.14 -23.24
CA LEU A 76 15.08 6.72 -23.58
C LEU A 76 16.34 6.23 -24.28
N SER A 77 16.91 7.04 -25.18
CA SER A 77 18.16 6.63 -25.82
C SER A 77 19.26 6.36 -24.80
N LEU A 78 19.07 6.81 -23.56
CA LEU A 78 19.95 6.51 -22.43
C LEU A 78 19.42 5.36 -21.58
N GLY A 79 18.34 4.71 -22.01
CA GLY A 79 17.74 3.68 -21.20
C GLY A 79 16.90 4.13 -20.02
N ASN A 80 16.27 5.30 -20.12
CA ASN A 80 15.45 5.87 -19.06
C ASN A 80 14.05 6.18 -19.57
N ALA A 81 13.05 5.47 -19.02
CA ALA A 81 11.62 5.73 -19.23
C ALA A 81 11.15 6.61 -18.08
N ALA A 82 11.04 7.91 -18.34
CA ALA A 82 10.79 8.89 -17.30
C ALA A 82 9.40 9.49 -17.48
N LEU A 83 8.50 9.20 -16.54
CA LEU A 83 7.15 9.75 -16.58
C LEU A 83 7.12 11.03 -15.74
N GLN A 84 6.79 12.15 -16.38
CA GLN A 84 6.59 13.42 -15.70
C GLN A 84 5.11 13.77 -15.63
N ILE A 85 4.65 14.13 -14.44
CA ILE A 85 3.28 14.62 -14.26
C ILE A 85 3.36 16.03 -13.70
N THR A 86 2.73 16.96 -14.39
CA THR A 86 2.70 18.35 -13.97
C THR A 86 1.45 18.59 -13.15
N ASP A 87 1.55 19.50 -12.19
CA ASP A 87 0.41 19.93 -11.37
C ASP A 87 -0.25 18.73 -10.70
N VAL A 88 0.53 18.13 -9.79
CA VAL A 88 0.10 16.92 -9.10
C VAL A 88 -1.14 17.21 -8.26
N LYS A 89 -2.10 16.29 -8.29
CA LYS A 89 -3.35 16.41 -7.57
C LYS A 89 -3.34 15.37 -6.47
N LEU A 90 -4.24 15.54 -5.50
CA LEU A 90 -4.34 14.54 -4.43
C LEU A 90 -4.59 13.16 -5.01
N GLN A 91 -5.41 13.10 -6.05
CA GLN A 91 -5.78 11.86 -6.71
C GLN A 91 -4.66 11.28 -7.56
N ASP A 92 -3.52 11.97 -7.68
CA ASP A 92 -2.32 11.37 -8.27
C ASP A 92 -1.56 10.50 -7.29
N ALA A 93 -1.94 10.50 -6.02
CA ALA A 93 -1.35 9.57 -5.06
C ALA A 93 -1.78 8.15 -5.37
N GLY A 94 -0.85 7.22 -5.21
CA GLY A 94 -1.13 5.81 -5.40
C GLY A 94 0.09 5.09 -5.91
N VAL A 95 -0.14 3.88 -6.43
CA VAL A 95 0.92 2.99 -6.87
C VAL A 95 1.00 3.05 -8.39
N TYR A 96 2.19 3.35 -8.90
CA TYR A 96 2.45 3.41 -10.33
C TYR A 96 3.28 2.21 -10.76
N ARG A 97 3.33 1.98 -12.07
CA ARG A 97 4.04 0.82 -12.59
C ARG A 97 4.43 1.08 -14.03
N CYS A 98 5.74 1.14 -14.31
CA CYS A 98 6.22 1.18 -15.68
C CYS A 98 6.40 -0.25 -16.19
N MET A 99 6.02 -0.47 -17.43
CA MET A 99 6.22 -1.75 -18.10
C MET A 99 6.97 -1.50 -19.38
N ILE A 100 8.16 -2.08 -19.50
CA ILE A 100 9.06 -1.85 -20.62
C ILE A 100 9.33 -3.16 -21.34
N SER A 101 9.15 -3.14 -22.65
CA SER A 101 9.58 -4.21 -23.53
C SER A 101 10.66 -3.68 -24.45
N TYR A 102 11.79 -4.36 -24.48
CA TYR A 102 12.88 -3.98 -25.33
C TYR A 102 13.67 -5.25 -25.61
N GLY A 103 13.09 -6.09 -26.47
CA GLY A 103 13.55 -7.46 -26.60
C GLY A 103 12.94 -8.29 -25.50
N GLY A 104 13.57 -8.24 -24.33
CA GLY A 104 12.94 -8.77 -23.15
C GLY A 104 11.94 -7.77 -22.62
N ALA A 105 11.28 -8.15 -21.55
CA ALA A 105 10.27 -7.31 -20.94
C ALA A 105 10.36 -7.42 -19.42
N ASP A 106 10.07 -6.32 -18.76
CA ASP A 106 10.03 -6.32 -17.30
C ASP A 106 9.24 -5.10 -16.87
N TYR A 107 8.94 -5.06 -15.58
CA TYR A 107 8.22 -3.95 -14.98
C TYR A 107 8.66 -3.75 -13.54
N LYS A 108 8.40 -2.55 -13.03
CA LYS A 108 8.61 -2.24 -11.62
C LYS A 108 7.44 -1.40 -11.13
N ARG A 109 7.25 -1.40 -9.81
CA ARG A 109 6.25 -0.58 -9.15
C ARG A 109 6.87 0.55 -8.36
N ILE A 110 6.21 1.71 -8.39
CA ILE A 110 6.60 2.90 -7.66
C ILE A 110 5.38 3.43 -6.93
N THR A 111 5.55 3.75 -5.65
CA THR A 111 4.50 4.36 -4.86
C THR A 111 4.71 5.86 -4.84
N VAL A 112 3.61 6.60 -4.98
CA VAL A 112 3.62 8.05 -4.86
C VAL A 112 2.77 8.45 -3.67
N LYS A 113 3.31 9.32 -2.84
CA LYS A 113 2.56 9.93 -1.76
C LYS A 113 2.46 11.43 -2.03
N VAL A 114 1.27 11.97 -1.81
CA VAL A 114 0.96 13.38 -2.08
C VAL A 114 0.62 14.05 -0.78
N ASN A 115 1.27 15.19 -0.51
CA ASN A 115 0.98 15.95 0.70
C ASN A 115 -0.22 16.87 0.45
N ALA A 116 -0.06 18.16 0.72
CA ALA A 116 -1.15 19.10 0.52
C ALA A 116 -0.66 20.55 0.62
N PRO A 117 0.13 20.91 1.63
CA PRO A 117 0.54 22.32 1.68
C PRO A 117 1.45 22.73 0.52
N ALA B 2 -17.35 5.59 4.52
CA ALA B 2 -18.14 4.86 3.54
C ALA B 2 -17.85 3.37 3.61
N PHE B 3 -17.29 2.84 2.54
CA PHE B 3 -16.94 1.43 2.42
C PHE B 3 -15.43 1.30 2.45
N THR B 4 -14.89 0.68 3.50
CA THR B 4 -13.45 0.45 3.61
C THR B 4 -13.12 -1.03 3.60
N VAL B 5 -12.07 -1.40 2.88
CA VAL B 5 -11.51 -2.74 2.98
C VAL B 5 -10.19 -2.65 3.74
N THR B 6 -10.03 -3.53 4.71
CA THR B 6 -8.85 -3.58 5.56
C THR B 6 -8.14 -4.91 5.33
N VAL B 7 -6.85 -4.95 5.67
CA VAL B 7 -6.06 -6.17 5.66
C VAL B 7 -5.50 -6.35 7.07
N PRO B 8 -5.60 -7.53 7.68
CA PRO B 8 -4.99 -7.72 9.00
C PRO B 8 -3.51 -7.42 8.96
N LYS B 9 -2.77 -8.14 8.13
CA LYS B 9 -1.42 -7.74 7.80
C LYS B 9 -1.30 -7.57 6.29
N ASP B 10 -0.32 -6.77 5.87
CA ASP B 10 -0.14 -6.44 4.46
C ASP B 10 1.10 -7.07 3.83
N LEU B 11 1.79 -7.94 4.54
CA LEU B 11 2.99 -8.58 4.01
C LEU B 11 2.99 -9.98 4.58
N TYR B 12 3.05 -11.00 3.72
CA TYR B 12 3.17 -12.36 4.21
C TYR B 12 4.48 -12.92 3.71
N VAL B 13 5.30 -13.44 4.63
CA VAL B 13 6.50 -14.16 4.27
C VAL B 13 6.26 -15.65 4.52
N VAL B 14 6.31 -16.43 3.45
CA VAL B 14 5.92 -17.83 3.54
C VAL B 14 7.02 -18.68 2.94
N GLU B 15 7.15 -19.91 3.45
CA GLU B 15 8.13 -20.85 2.93
C GLU B 15 7.53 -21.59 1.75
N TYR B 16 8.36 -21.84 0.73
CA TYR B 16 7.97 -22.67 -0.41
C TYR B 16 7.36 -24.01 0.02
N GLY B 17 6.26 -24.37 -0.64
CA GLY B 17 5.56 -25.62 -0.41
C GLY B 17 4.55 -25.59 0.72
N SER B 18 4.47 -24.50 1.46
CA SER B 18 3.46 -24.38 2.51
C SER B 18 2.12 -23.97 1.90
N ASN B 19 1.10 -23.90 2.74
CA ASN B 19 -0.17 -23.29 2.36
C ASN B 19 -0.27 -21.92 3.02
N MET B 20 -0.76 -20.94 2.27
CA MET B 20 -0.93 -19.62 2.83
C MET B 20 -2.38 -19.20 2.72
N THR B 21 -2.82 -18.42 3.69
CA THR B 21 -4.13 -17.79 3.69
C THR B 21 -3.94 -16.30 3.91
N ILE B 22 -4.34 -15.50 2.94
CA ILE B 22 -4.29 -14.04 3.04
C ILE B 22 -5.72 -13.53 3.08
N GLU B 23 -5.94 -12.47 3.84
CA GLU B 23 -7.28 -12.05 4.23
C GLU B 23 -7.47 -10.57 3.91
N CYS B 24 -8.69 -10.24 3.49
CA CYS B 24 -9.16 -8.87 3.40
C CYS B 24 -10.49 -8.74 4.10
N LYS B 25 -10.65 -7.71 4.92
CA LYS B 25 -11.88 -7.54 5.66
C LYS B 25 -12.67 -6.38 5.06
N PHE B 26 -14.00 -6.50 5.13
CA PHE B 26 -14.93 -5.50 4.63
C PHE B 26 -16.10 -5.50 5.59
N PRO B 27 -16.87 -4.42 5.65
CA PRO B 27 -17.90 -4.35 6.69
C PRO B 27 -19.13 -5.14 6.27
N VAL B 28 -19.60 -6.02 7.17
CA VAL B 28 -20.82 -6.77 6.99
C VAL B 28 -21.60 -6.70 8.30
N GLU B 29 -22.90 -6.95 8.21
CA GLU B 29 -23.71 -7.09 9.41
C GLU B 29 -24.86 -8.02 9.06
N LYS B 30 -25.04 -9.06 9.88
CA LYS B 30 -26.07 -10.09 9.69
C LYS B 30 -26.07 -10.63 8.27
N GLN B 31 -27.19 -11.24 7.89
CA GLN B 31 -27.34 -11.89 6.57
C GLN B 31 -26.56 -11.17 5.48
N LEU B 32 -25.38 -11.69 5.15
CA LEU B 32 -24.65 -11.20 3.99
C LEU B 32 -25.50 -11.37 2.74
N ASP B 33 -25.60 -10.29 1.95
CA ASP B 33 -26.33 -10.29 0.68
C ASP B 33 -25.35 -10.67 -0.44
N LEU B 34 -25.33 -11.96 -0.76
CA LEU B 34 -24.40 -12.50 -1.74
C LEU B 34 -24.68 -11.98 -3.13
N ALA B 35 -25.93 -11.60 -3.42
CA ALA B 35 -26.22 -10.98 -4.72
C ALA B 35 -25.38 -9.72 -4.90
N ALA B 36 -25.16 -8.97 -3.83
CA ALA B 36 -24.51 -7.68 -3.88
C ALA B 36 -22.99 -7.80 -3.92
N LEU B 37 -22.45 -8.94 -3.48
CA LEU B 37 -21.03 -9.07 -3.20
C LEU B 37 -20.26 -9.38 -4.46
N ILE B 38 -19.19 -8.64 -4.70
CA ILE B 38 -18.24 -8.89 -5.77
C ILE B 38 -16.84 -8.93 -5.18
N VAL B 39 -16.09 -10.00 -5.49
CA VAL B 39 -14.71 -10.18 -5.03
C VAL B 39 -13.79 -10.49 -6.21
N TYR B 40 -12.65 -9.82 -6.27
CA TYR B 40 -11.61 -10.11 -7.25
C TYR B 40 -10.27 -10.15 -6.53
N TRP B 41 -9.54 -11.24 -6.70
CA TRP B 41 -8.16 -11.34 -6.26
C TRP B 41 -7.25 -11.39 -7.48
N GLU B 42 -6.22 -10.56 -7.48
CA GLU B 42 -5.29 -10.51 -8.60
C GLU B 42 -3.91 -10.40 -8.01
N MET B 43 -2.94 -10.97 -8.69
CA MET B 43 -1.55 -10.70 -8.36
C MET B 43 -0.81 -10.51 -9.66
N GLU B 44 -0.01 -9.45 -9.72
CA GLU B 44 0.78 -9.19 -10.91
C GLU B 44 -0.23 -9.03 -12.05
N ASP B 45 -0.06 -9.70 -13.18
CA ASP B 45 -1.03 -9.65 -14.27
C ASP B 45 -1.86 -10.93 -14.38
N LYS B 46 -2.01 -11.67 -13.29
CA LYS B 46 -2.65 -12.97 -13.29
C LYS B 46 -4.03 -12.89 -12.66
N ASN B 47 -5.04 -13.43 -13.34
CA ASN B 47 -6.38 -13.50 -12.77
C ASN B 47 -6.46 -14.65 -11.78
N ILE B 48 -6.59 -14.35 -10.49
CA ILE B 48 -6.63 -15.43 -9.50
C ILE B 48 -8.07 -15.87 -9.27
N ILE B 49 -8.91 -14.95 -8.84
CA ILE B 49 -10.26 -15.24 -8.36
C ILE B 49 -11.20 -14.19 -8.93
N GLN B 50 -12.30 -14.63 -9.54
CA GLN B 50 -13.40 -13.75 -9.90
C GLN B 50 -14.68 -14.29 -9.27
N PHE B 51 -15.18 -13.58 -8.25
CA PHE B 51 -16.41 -13.93 -7.57
C PHE B 51 -17.34 -12.73 -7.66
N VAL B 52 -18.53 -12.93 -8.21
CA VAL B 52 -19.44 -11.81 -8.41
C VAL B 52 -20.87 -12.31 -8.41
N HIS B 53 -21.77 -11.50 -7.85
CA HIS B 53 -23.19 -11.82 -7.82
C HIS B 53 -23.45 -13.23 -7.30
N GLY B 54 -22.69 -13.61 -6.29
CA GLY B 54 -22.90 -14.87 -5.62
C GLY B 54 -22.36 -16.12 -6.28
N GLU B 55 -21.59 -16.01 -7.36
CA GLU B 55 -21.12 -17.22 -8.02
C GLU B 55 -19.65 -17.00 -8.35
N GLU B 56 -18.85 -18.07 -8.25
CA GLU B 56 -17.48 -18.09 -8.74
C GLU B 56 -17.39 -18.30 -10.25
N ASP B 57 -16.30 -17.82 -10.84
CA ASP B 57 -15.96 -18.14 -12.21
C ASP B 57 -14.49 -18.54 -12.26
N LEU B 58 -14.24 -19.83 -12.48
CA LEU B 58 -12.88 -20.37 -12.57
C LEU B 58 -12.41 -20.57 -14.01
N LYS B 59 -13.24 -20.26 -15.01
CA LYS B 59 -12.71 -20.24 -16.37
C LYS B 59 -11.78 -19.05 -16.57
N VAL B 60 -12.05 -17.93 -15.90
CA VAL B 60 -11.19 -16.77 -16.02
C VAL B 60 -9.91 -16.89 -15.20
N GLN B 61 -9.88 -17.81 -14.24
CA GLN B 61 -8.74 -17.94 -13.35
C GLN B 61 -7.49 -18.30 -14.16
N HIS B 62 -6.36 -17.69 -13.79
CA HIS B 62 -5.09 -17.99 -14.46
C HIS B 62 -4.75 -19.45 -14.26
N SER B 63 -4.19 -20.06 -15.32
CA SER B 63 -3.96 -21.50 -15.26
C SER B 63 -2.97 -21.90 -14.17
N SER B 64 -2.02 -21.03 -13.80
CA SER B 64 -1.12 -21.47 -12.75
C SER B 64 -1.82 -21.67 -11.42
N TYR B 65 -2.98 -21.05 -11.22
CA TYR B 65 -3.71 -21.17 -9.96
C TYR B 65 -4.87 -22.14 -10.01
N ARG B 66 -5.15 -22.77 -11.15
CA ARG B 66 -6.32 -23.63 -11.20
C ARG B 66 -6.20 -24.75 -10.19
N GLN B 67 -7.25 -24.92 -9.38
CA GLN B 67 -7.33 -25.96 -8.36
C GLN B 67 -6.24 -25.83 -7.29
N ARG B 68 -5.33 -24.87 -7.46
CA ARG B 68 -4.35 -24.58 -6.44
C ARG B 68 -4.72 -23.41 -5.56
N ALA B 69 -5.59 -22.53 -6.04
CA ALA B 69 -6.02 -21.34 -5.31
C ALA B 69 -7.53 -21.25 -5.37
N ARG B 70 -8.16 -20.98 -4.22
CA ARG B 70 -9.60 -20.82 -4.19
C ARG B 70 -9.96 -19.92 -3.02
N LEU B 71 -11.09 -19.24 -3.16
CA LEU B 71 -11.56 -18.29 -2.18
C LEU B 71 -12.41 -19.02 -1.16
N LEU B 72 -12.15 -18.74 0.12
CA LEU B 72 -12.78 -19.42 1.25
C LEU B 72 -14.14 -18.78 1.49
N LYS B 73 -15.19 -19.51 1.14
CA LYS B 73 -16.53 -18.94 1.11
C LYS B 73 -17.06 -18.54 2.49
N ASP B 74 -17.08 -19.50 3.41
CA ASP B 74 -17.74 -19.28 4.73
C ASP B 74 -17.40 -17.94 5.33
N GLN B 75 -16.17 -17.51 5.18
CA GLN B 75 -15.68 -16.30 5.81
C GLN B 75 -16.31 -15.01 5.21
N LEU B 76 -16.86 -15.14 4.00
CA LEU B 76 -17.41 -13.98 3.35
C LEU B 76 -18.52 -13.40 4.18
N SER B 77 -19.42 -14.26 4.64
CA SER B 77 -20.54 -13.84 5.47
C SER B 77 -20.09 -13.12 6.74
N LEU B 78 -18.82 -13.23 7.11
CA LEU B 78 -18.21 -12.50 8.21
C LEU B 78 -17.47 -11.25 7.73
N GLY B 79 -17.55 -10.93 6.46
CA GLY B 79 -16.79 -9.82 5.95
C GLY B 79 -15.33 -10.11 5.77
N ASN B 80 -14.98 -11.36 5.49
CA ASN B 80 -13.59 -11.79 5.32
C ASN B 80 -13.46 -12.45 3.96
N ALA B 81 -12.69 -11.81 3.08
CA ALA B 81 -12.30 -12.38 1.80
C ALA B 81 -10.95 -13.03 1.99
N ALA B 82 -10.93 -14.34 2.15
CA ALA B 82 -9.72 -15.07 2.53
C ALA B 82 -9.30 -15.91 1.35
N LEU B 83 -8.18 -15.56 0.74
CA LEU B 83 -7.64 -16.30 -0.39
C LEU B 83 -6.64 -17.30 0.18
N GLN B 84 -6.89 -18.58 -0.04
CA GLN B 84 -5.95 -19.63 0.33
C GLN B 84 -5.27 -20.19 -0.91
N ILE B 85 -3.95 -20.28 -0.87
CA ILE B 85 -3.19 -20.93 -1.94
C ILE B 85 -2.43 -22.09 -1.33
N THR B 86 -2.64 -23.27 -1.89
CA THR B 86 -1.98 -24.48 -1.42
C THR B 86 -0.72 -24.68 -2.26
N ASP B 87 0.31 -25.28 -1.64
CA ASP B 87 1.53 -25.62 -2.35
C ASP B 87 2.11 -24.39 -3.03
N VAL B 88 2.54 -23.45 -2.18
CA VAL B 88 3.05 -22.18 -2.67
C VAL B 88 4.30 -22.43 -3.50
N LYS B 89 4.41 -21.74 -4.62
CA LYS B 89 5.55 -21.89 -5.52
C LYS B 89 6.35 -20.60 -5.47
N LEU B 90 7.59 -20.65 -5.95
CA LEU B 90 8.38 -19.44 -5.99
C LEU B 90 7.69 -18.36 -6.79
N GLN B 91 7.04 -18.75 -7.89
CA GLN B 91 6.36 -17.81 -8.76
C GLN B 91 5.07 -17.27 -8.15
N ASP B 92 4.67 -17.75 -6.96
CA ASP B 92 3.59 -17.12 -6.21
C ASP B 92 4.04 -15.89 -5.42
N ALA B 93 5.33 -15.60 -5.37
CA ALA B 93 5.81 -14.37 -4.76
C ALA B 93 5.41 -13.18 -5.61
N GLY B 94 5.03 -12.09 -4.94
CA GLY B 94 4.71 -10.87 -5.63
C GLY B 94 3.65 -10.10 -4.87
N VAL B 95 3.04 -9.15 -5.56
CA VAL B 95 2.07 -8.23 -4.98
C VAL B 95 0.68 -8.68 -5.36
N TYR B 96 -0.17 -8.90 -4.36
CA TYR B 96 -1.55 -9.30 -4.56
C TYR B 96 -2.47 -8.14 -4.28
N ARG B 97 -3.71 -8.27 -4.71
CA ARG B 97 -4.70 -7.20 -4.54
C ARG B 97 -6.09 -7.80 -4.55
N CYS B 98 -6.78 -7.70 -3.43
CA CYS B 98 -8.19 -8.03 -3.36
C CYS B 98 -8.98 -6.78 -3.74
N MET B 99 -10.02 -6.96 -4.54
CA MET B 99 -10.94 -5.88 -4.88
C MET B 99 -12.34 -6.36 -4.54
N ILE B 100 -13.00 -5.66 -3.63
CA ILE B 100 -14.29 -6.08 -3.11
C ILE B 100 -15.31 -5.01 -3.41
N SER B 101 -16.43 -5.42 -3.98
CA SER B 101 -17.63 -4.60 -4.13
C SER B 101 -18.73 -5.21 -3.29
N TYR B 102 -19.34 -4.41 -2.42
CA TYR B 102 -20.43 -4.84 -1.58
C TYR B 102 -21.24 -3.59 -1.25
N GLY B 103 -22.00 -3.14 -2.25
CA GLY B 103 -22.59 -1.83 -2.22
C GLY B 103 -21.55 -0.82 -2.64
N GLY B 104 -20.72 -0.42 -1.70
CA GLY B 104 -19.52 0.32 -2.02
C GLY B 104 -18.43 -0.60 -2.51
N ALA B 105 -17.30 -0.01 -2.85
CA ALA B 105 -16.18 -0.77 -3.36
C ALA B 105 -14.87 -0.19 -2.84
N ASP B 106 -13.91 -1.09 -2.61
CA ASP B 106 -12.55 -0.72 -2.20
C ASP B 106 -11.65 -1.91 -2.51
N TYR B 107 -10.36 -1.67 -2.38
CA TYR B 107 -9.34 -2.68 -2.58
C TYR B 107 -8.13 -2.40 -1.71
N LYS B 108 -7.34 -3.45 -1.47
CA LYS B 108 -6.06 -3.31 -0.78
C LYS B 108 -5.04 -4.19 -1.46
N ARG B 109 -3.77 -3.86 -1.24
CA ARG B 109 -2.64 -4.65 -1.73
C ARG B 109 -1.91 -5.36 -0.59
N ILE B 110 -1.47 -6.58 -0.88
CA ILE B 110 -0.70 -7.40 0.04
C ILE B 110 0.50 -7.95 -0.73
N THR B 111 1.67 -7.86 -0.12
CA THR B 111 2.88 -8.45 -0.70
C THR B 111 3.12 -9.82 -0.10
N VAL B 112 3.50 -10.76 -0.95
CA VAL B 112 3.90 -12.09 -0.54
C VAL B 112 5.36 -12.33 -0.91
N LYS B 113 6.13 -12.83 0.05
CA LYS B 113 7.49 -13.27 -0.17
C LYS B 113 7.55 -14.77 0.09
N VAL B 114 8.26 -15.49 -0.78
CA VAL B 114 8.35 -16.94 -0.71
C VAL B 114 9.80 -17.32 -0.42
N ASN B 115 10.01 -18.12 0.62
CA ASN B 115 11.33 -18.58 1.01
C ASN B 115 11.68 -19.89 0.30
N ALA B 116 12.77 -20.50 0.74
CA ALA B 116 13.30 -21.78 0.28
C ALA B 116 14.53 -22.04 1.14
N PRO B 117 14.83 -23.30 1.50
CA PRO B 117 15.89 -23.58 2.50
C PRO B 117 17.15 -22.71 2.42
N TYR B 118 17.28 -21.76 3.34
CA TYR B 118 18.42 -20.83 3.38
C TYR B 118 19.54 -21.37 4.29
N ASP C 1 3.67 -10.57 -23.04
CA ASP C 1 3.72 -9.54 -22.01
C ASP C 1 3.36 -8.15 -22.49
N PRO C 2 4.02 -7.62 -23.53
CA PRO C 2 3.47 -6.40 -24.15
C PRO C 2 2.11 -6.67 -24.75
N ALA C 3 1.89 -7.87 -25.29
CA ALA C 3 0.55 -8.28 -25.69
C ALA C 3 -0.43 -8.13 -24.55
N LEU C 4 -0.12 -8.74 -23.40
CA LEU C 4 -1.00 -8.67 -22.24
C LEU C 4 -1.23 -7.23 -21.81
N TRP C 5 -0.18 -6.40 -21.83
CA TRP C 5 -0.33 -5.01 -21.41
C TRP C 5 -1.20 -4.25 -22.41
N GLN C 6 -1.02 -4.49 -23.70
CA GLN C 6 -1.88 -3.82 -24.65
C GLN C 6 -3.30 -4.35 -24.58
N CYS C 7 -3.47 -5.63 -24.23
CA CYS C 7 -4.80 -6.17 -23.98
C CYS C 7 -5.50 -5.39 -22.87
N VAL C 8 -4.79 -5.07 -21.80
CA VAL C 8 -5.43 -4.42 -20.67
C VAL C 8 -5.62 -2.94 -20.93
N PHE C 9 -4.62 -2.29 -21.55
CA PHE C 9 -4.75 -0.87 -21.88
C PHE C 9 -5.93 -0.62 -22.82
N ALA C 10 -6.17 -1.54 -23.75
CA ALA C 10 -7.30 -1.38 -24.66
C ALA C 10 -8.63 -1.68 -23.97
N ALA C 11 -8.63 -2.66 -23.06
CA ALA C 11 -9.85 -3.00 -22.33
C ALA C 11 -10.34 -1.82 -21.50
N ARG C 12 -9.42 -1.12 -20.84
CA ARG C 12 -9.83 0.01 -20.02
C ARG C 12 -10.27 1.18 -20.88
N TYR C 13 -9.58 1.41 -22.00
CA TYR C 13 -10.00 2.47 -22.92
C TYR C 13 -11.44 2.27 -23.36
N CYS C 14 -11.83 1.03 -23.67
CA CYS C 14 -13.23 0.74 -23.94
C CYS C 14 -14.14 1.15 -22.80
N TYR C 15 -13.70 0.89 -21.56
CA TYR C 15 -14.54 1.21 -20.42
C TYR C 15 -14.63 2.72 -20.22
N GLU C 16 -13.49 3.41 -20.27
CA GLU C 16 -13.48 4.84 -20.01
C GLU C 16 -14.21 5.61 -21.12
N GLU C 17 -13.85 5.38 -22.37
CA GLU C 17 -14.40 6.16 -23.47
C GLU C 17 -15.43 5.36 -24.24
N ASP D 1 -16.30 0.59 -11.32
CA ASP D 1 -15.14 -0.01 -10.67
C ASP D 1 -15.19 -1.53 -10.67
N PRO D 2 -16.27 -2.17 -10.21
CA PRO D 2 -16.43 -3.59 -10.52
C PRO D 2 -16.58 -3.79 -12.01
N ALA D 3 -17.26 -2.84 -12.69
CA ALA D 3 -17.30 -2.83 -14.14
C ALA D 3 -15.89 -2.84 -14.72
N LEU D 4 -15.06 -1.90 -14.27
CA LEU D 4 -13.67 -1.82 -14.76
C LEU D 4 -12.89 -3.09 -14.45
N TRP D 5 -13.08 -3.65 -13.25
CA TRP D 5 -12.34 -4.84 -12.85
C TRP D 5 -12.72 -6.05 -13.69
N GLN D 6 -14.01 -6.20 -13.98
CA GLN D 6 -14.41 -7.31 -14.84
C GLN D 6 -13.96 -7.09 -16.28
N CYS D 7 -13.86 -5.83 -16.71
CA CYS D 7 -13.28 -5.54 -18.02
C CYS D 7 -11.88 -6.12 -18.16
N VAL D 8 -11.07 -5.98 -17.12
CA VAL D 8 -9.69 -6.42 -17.21
C VAL D 8 -9.58 -7.92 -17.00
N PHE D 9 -10.34 -8.47 -16.04
CA PHE D 9 -10.32 -9.91 -15.82
C PHE D 9 -10.77 -10.66 -17.07
N ALA D 10 -11.76 -10.13 -17.78
CA ALA D 10 -12.23 -10.79 -19.00
C ALA D 10 -11.23 -10.60 -20.14
N ALA D 11 -10.58 -9.43 -20.20
CA ALA D 11 -9.60 -9.18 -21.23
C ALA D 11 -8.40 -10.14 -21.12
N ARG D 12 -7.92 -10.37 -19.90
CA ARG D 12 -6.76 -11.24 -19.73
C ARG D 12 -7.12 -12.69 -19.99
N TYR D 13 -8.27 -13.12 -19.46
CA TYR D 13 -8.74 -14.48 -19.74
C TYR D 13 -8.88 -14.70 -21.23
N CYS D 14 -9.42 -13.71 -21.94
CA CYS D 14 -9.46 -13.79 -23.39
C CYS D 14 -8.07 -13.95 -23.98
N TYR D 15 -7.09 -13.24 -23.43
CA TYR D 15 -5.74 -13.32 -23.97
C TYR D 15 -5.07 -14.65 -23.61
N GLU D 16 -5.24 -15.11 -22.37
CA GLU D 16 -4.56 -16.32 -21.91
C GLU D 16 -4.98 -17.56 -22.68
N GLU D 17 -6.14 -17.56 -23.32
CA GLU D 17 -6.62 -18.75 -24.02
C GLU D 17 -6.57 -18.60 -25.55
N ALA E 2 -14.65 25.23 17.49
CA ALA E 2 -14.61 24.76 16.11
C ALA E 2 -14.64 23.23 16.05
N PHE E 3 -13.48 22.61 16.24
CA PHE E 3 -13.31 21.17 16.21
C PHE E 3 -12.97 20.66 17.61
N THR E 4 -13.86 19.83 18.17
CA THR E 4 -13.63 19.23 19.49
C THR E 4 -13.47 17.71 19.38
N VAL E 5 -12.49 17.17 20.10
CA VAL E 5 -12.35 15.74 20.27
C VAL E 5 -12.76 15.38 21.69
N THR E 6 -13.57 14.33 21.81
CA THR E 6 -14.07 13.87 23.09
C THR E 6 -13.54 12.47 23.36
N VAL E 7 -13.52 12.09 24.64
CA VAL E 7 -13.20 10.74 25.07
C VAL E 7 -14.36 10.22 25.90
N PRO E 8 -14.86 8.99 25.63
CA PRO E 8 -15.94 8.46 26.46
C PRO E 8 -15.55 8.44 27.92
N LYS E 9 -14.49 7.72 28.24
CA LYS E 9 -13.82 7.85 29.53
C LYS E 9 -12.36 8.22 29.28
N ASP E 10 -11.72 8.83 30.29
CA ASP E 10 -10.35 9.31 30.14
C ASP E 10 -9.32 8.52 30.93
N LEU E 11 -9.72 7.41 31.54
CA LEU E 11 -8.81 6.60 32.34
C LEU E 11 -9.24 5.16 32.13
N TYR E 12 -8.33 4.30 31.72
CA TYR E 12 -8.65 2.89 31.61
C TYR E 12 -7.78 2.11 32.57
N VAL E 13 -8.42 1.29 33.40
CA VAL E 13 -7.69 0.36 34.26
C VAL E 13 -7.88 -1.02 33.66
N VAL E 14 -6.78 -1.63 33.24
CA VAL E 14 -6.83 -2.86 32.47
C VAL E 14 -5.92 -3.88 33.14
N GLU E 15 -6.29 -5.14 32.98
CA GLU E 15 -5.49 -6.22 33.52
C GLU E 15 -4.39 -6.59 32.55
N TYR E 16 -3.21 -6.88 33.08
CA TYR E 16 -2.09 -7.39 32.28
C TYR E 16 -2.51 -8.60 31.45
N GLY E 17 -2.11 -8.59 30.17
CA GLY E 17 -2.36 -9.67 29.23
C GLY E 17 -3.70 -9.59 28.52
N SER E 18 -4.56 -8.65 28.90
CA SER E 18 -5.82 -8.45 28.21
C SER E 18 -5.59 -7.61 26.96
N ASN E 19 -6.66 -7.40 26.18
CA ASN E 19 -6.70 -6.44 25.10
C ASN E 19 -7.52 -5.22 25.52
N MET E 20 -7.04 -4.03 25.17
CA MET E 20 -7.75 -2.81 25.50
C MET E 20 -8.07 -2.03 24.23
N THR E 21 -9.21 -1.35 24.26
CA THR E 21 -9.63 -0.43 23.21
C THR E 21 -9.96 0.91 23.87
N ILE E 22 -9.22 1.95 23.50
CA ILE E 22 -9.46 3.30 24.00
C ILE E 22 -9.96 4.15 22.83
N GLU E 23 -10.87 5.08 23.13
CA GLU E 23 -11.63 5.74 22.09
C GLU E 23 -11.56 7.25 22.22
N CYS E 24 -11.51 7.93 21.08
CA CYS E 24 -11.71 9.37 20.96
C CYS E 24 -12.75 9.64 19.88
N LYS E 25 -13.71 10.54 20.16
CA LYS E 25 -14.76 10.82 19.19
C LYS E 25 -14.51 12.19 18.58
N PHE E 26 -14.87 12.34 17.32
CA PHE E 26 -14.71 13.59 16.59
C PHE E 26 -15.87 13.78 15.61
N PRO E 27 -16.14 15.02 15.20
CA PRO E 27 -17.33 15.32 14.38
C PRO E 27 -17.06 14.94 12.93
N VAL E 28 -18.00 14.24 12.29
CA VAL E 28 -17.88 13.90 10.87
C VAL E 28 -19.17 14.22 10.11
N GLU E 29 -20.08 14.93 10.77
CA GLU E 29 -21.19 15.59 10.08
C GLU E 29 -22.09 14.62 9.32
N LYS E 30 -21.66 14.18 8.14
CA LYS E 30 -22.47 13.24 7.37
C LYS E 30 -21.62 12.14 6.73
N GLN E 31 -20.73 12.54 5.82
CA GLN E 31 -19.85 11.58 5.12
C GLN E 31 -18.41 11.89 5.49
N LEU E 32 -17.59 10.84 5.58
CA LEU E 32 -16.19 11.04 5.97
C LEU E 32 -15.35 11.31 4.73
N ASP E 33 -14.56 12.38 4.79
CA ASP E 33 -13.58 12.78 3.77
C ASP E 33 -12.25 12.17 4.21
N LEU E 34 -11.92 10.99 3.68
CA LEU E 34 -10.71 10.32 4.15
C LEU E 34 -9.46 11.10 3.78
N ALA E 35 -9.49 11.91 2.71
CA ALA E 35 -8.36 12.76 2.39
C ALA E 35 -8.03 13.73 3.52
N ALA E 36 -9.07 14.22 4.21
CA ALA E 36 -8.92 15.27 5.22
C ALA E 36 -8.47 14.77 6.58
N LEU E 37 -8.65 13.48 6.88
CA LEU E 37 -8.54 12.96 8.24
C LEU E 37 -7.09 12.67 8.59
N ILE E 38 -6.65 13.18 9.73
CA ILE E 38 -5.34 12.87 10.31
C ILE E 38 -5.53 12.42 11.76
N VAL E 39 -4.95 11.26 12.10
CA VAL E 39 -5.01 10.70 13.44
C VAL E 39 -3.60 10.35 13.92
N TYR E 40 -3.27 10.73 15.16
CA TYR E 40 -2.00 10.34 15.78
C TYR E 40 -2.28 9.86 17.20
N TRP E 41 -1.81 8.66 17.52
CA TRP E 41 -1.82 8.17 18.89
C TRP E 41 -0.40 8.09 19.41
N GLU E 42 -0.19 8.65 20.60
CA GLU E 42 1.12 8.66 21.24
C GLU E 42 0.92 8.36 22.72
N MET E 43 1.91 7.73 23.32
CA MET E 43 1.97 7.64 24.77
C MET E 43 3.41 7.87 25.19
N GLU E 44 3.61 8.76 26.16
CA GLU E 44 4.96 9.02 26.69
C GLU E 44 5.79 9.50 25.50
N ASP E 45 6.98 8.95 25.26
CA ASP E 45 7.77 9.34 24.11
C ASP E 45 7.74 8.30 22.98
N LYS E 46 6.70 7.49 22.92
CA LYS E 46 6.62 6.37 21.98
C LYS E 46 5.63 6.71 20.88
N ASN E 47 6.04 6.55 19.62
CA ASN E 47 5.13 6.74 18.49
C ASN E 47 4.24 5.53 18.35
N ILE E 48 2.93 5.67 18.62
CA ILE E 48 2.04 4.51 18.50
C ILE E 48 1.49 4.39 17.09
N ILE E 49 0.74 5.41 16.67
CA ILE E 49 -0.04 5.36 15.44
C ILE E 49 0.11 6.68 14.70
N GLN E 50 0.44 6.60 13.42
CA GLN E 50 0.41 7.76 12.53
C GLN E 50 -0.50 7.44 11.34
N PHE E 51 -1.67 8.10 11.32
CA PHE E 51 -2.63 7.97 10.23
C PHE E 51 -2.87 9.36 9.67
N VAL E 52 -2.64 9.55 8.37
CA VAL E 52 -2.78 10.90 7.80
C VAL E 52 -3.10 10.78 6.31
N HIS E 53 -3.93 11.72 5.84
CA HIS E 53 -4.31 11.76 4.43
C HIS E 53 -4.77 10.39 3.93
N GLY E 54 -5.53 9.70 4.77
CA GLY E 54 -6.12 8.44 4.39
C GLY E 54 -5.22 7.22 4.44
N GLU E 55 -4.00 7.32 4.97
CA GLU E 55 -3.12 6.16 4.93
C GLU E 55 -2.44 6.02 6.30
N GLU E 56 -2.22 4.77 6.70
CA GLU E 56 -1.40 4.44 7.86
C GLU E 56 0.10 4.52 7.54
N ASP E 57 0.89 4.74 8.59
CA ASP E 57 2.35 4.61 8.51
C ASP E 57 2.82 3.81 9.71
N LEU E 58 3.26 2.57 9.47
CA LEU E 58 3.74 1.67 10.52
C LEU E 58 5.25 1.67 10.65
N LYS E 59 5.95 2.40 9.78
CA LYS E 59 7.39 2.52 9.88
C LYS E 59 7.81 3.46 11.01
N VAL E 60 6.97 4.44 11.32
CA VAL E 60 7.22 5.37 12.42
C VAL E 60 6.82 4.80 13.77
N GLN E 61 6.01 3.75 13.79
CA GLN E 61 5.50 3.19 15.03
C GLN E 61 6.65 2.72 15.91
N HIS E 62 6.53 2.98 17.22
CA HIS E 62 7.54 2.52 18.16
C HIS E 62 7.61 1.00 18.12
N SER E 63 8.84 0.47 18.23
CA SER E 63 9.01 -0.96 18.05
C SER E 63 8.25 -1.78 19.09
N SER E 64 8.04 -1.23 20.30
CA SER E 64 7.31 -2.00 21.29
C SER E 64 5.86 -2.27 20.88
N TYR E 65 5.29 -1.48 19.97
CA TYR E 65 3.90 -1.66 19.55
C TYR E 65 3.74 -2.37 18.22
N ARG E 66 4.84 -2.76 17.55
CA ARG E 66 4.68 -3.36 16.23
C ARG E 66 3.84 -4.62 16.30
N GLN E 67 2.82 -4.68 15.44
CA GLN E 67 1.89 -5.79 15.34
C GLN E 67 1.09 -6.00 16.63
N ARG E 68 1.41 -5.23 17.67
CA ARG E 68 0.68 -5.32 18.92
C ARG E 68 -0.37 -4.23 19.10
N ALA E 69 -0.25 -3.11 18.39
CA ALA E 69 -1.19 -2.00 18.49
C ALA E 69 -1.57 -1.52 17.10
N ARG E 70 -2.87 -1.31 16.87
CA ARG E 70 -3.31 -0.80 15.58
C ARG E 70 -4.62 -0.04 15.73
N LEU E 71 -4.86 0.90 14.82
CA LEU E 71 -6.04 1.75 14.85
C LEU E 71 -7.19 1.08 14.09
N LEU E 72 -8.37 1.07 14.69
CA LEU E 72 -9.54 0.40 14.14
C LEU E 72 -10.19 1.31 13.10
N LYS E 73 -9.93 1.02 11.82
CA LYS E 73 -10.32 1.91 10.73
C LYS E 73 -11.83 2.10 10.66
N ASP E 74 -12.57 1.01 10.52
CA ASP E 74 -14.00 1.07 10.24
C ASP E 74 -14.79 1.90 11.25
N GLN E 75 -14.18 2.22 12.39
CA GLN E 75 -14.83 3.10 13.35
C GLN E 75 -14.70 4.57 12.98
N LEU E 76 -13.73 4.90 12.12
CA LEU E 76 -13.48 6.29 11.74
C LEU E 76 -14.68 6.91 11.04
N SER E 77 -15.29 6.18 10.11
CA SER E 77 -16.45 6.71 9.41
C SER E 77 -17.60 7.06 10.35
N LEU E 78 -17.55 6.59 11.59
CA LEU E 78 -18.50 6.95 12.63
C LEU E 78 -17.97 8.07 13.52
N GLY E 79 -16.83 8.64 13.19
CA GLY E 79 -16.23 9.64 14.06
C GLY E 79 -15.58 9.09 15.29
N ASN E 80 -15.06 7.86 15.22
CA ASN E 80 -14.42 7.20 16.37
C ASN E 80 -13.01 6.76 15.98
N ALA E 81 -12.03 7.36 16.64
CA ALA E 81 -10.63 6.93 16.54
C ALA E 81 -10.35 5.96 17.69
N ALA E 82 -10.36 4.67 17.39
CA ALA E 82 -10.31 3.64 18.42
C ALA E 82 -8.98 2.90 18.33
N LEU E 83 -8.13 3.09 19.34
CA LEU E 83 -6.85 2.42 19.39
C LEU E 83 -7.02 1.16 20.21
N GLN E 84 -6.77 0.01 19.60
CA GLN E 84 -6.77 -1.27 20.27
C GLN E 84 -5.33 -1.73 20.46
N ILE E 85 -4.99 -2.13 21.68
CA ILE E 85 -3.70 -2.73 21.97
C ILE E 85 -3.95 -4.12 22.51
N THR E 86 -3.34 -5.12 21.86
CA THR E 86 -3.45 -6.51 22.26
C THR E 86 -2.28 -6.85 23.17
N ASP E 87 -2.52 -7.78 24.09
CA ASP E 87 -1.47 -8.30 24.98
C ASP E 87 -0.79 -7.15 25.72
N VAL E 88 -1.57 -6.52 26.59
CA VAL E 88 -1.10 -5.35 27.32
C VAL E 88 0.05 -5.76 28.22
N LYS E 89 1.08 -4.93 28.26
CA LYS E 89 2.25 -5.21 29.08
C LYS E 89 2.26 -4.18 30.20
N LEU E 90 3.05 -4.46 31.24
CA LEU E 90 3.15 -3.49 32.32
C LEU E 90 3.60 -2.15 31.78
N GLN E 91 4.52 -2.18 30.81
CA GLN E 91 5.08 -0.98 30.20
C GLN E 91 4.11 -0.29 29.26
N ASP E 92 2.91 -0.85 29.04
CA ASP E 92 1.85 -0.14 28.34
C ASP E 92 1.10 0.81 29.26
N ALA E 93 1.36 0.77 30.56
CA ALA E 93 0.79 1.76 31.48
C ALA E 93 1.40 3.12 31.23
N GLY E 94 0.57 4.15 31.32
CA GLY E 94 1.03 5.51 31.17
C GLY E 94 -0.04 6.38 30.58
N VAL E 95 0.38 7.55 30.10
CA VAL E 95 -0.52 8.58 29.57
C VAL E 95 -0.48 8.53 28.05
N TYR E 96 -1.66 8.40 27.44
CA TYR E 96 -1.82 8.36 25.99
C TYR E 96 -2.44 9.68 25.52
N ARG E 97 -2.38 9.90 24.21
CA ARG E 97 -2.88 11.15 23.63
C ARG E 97 -3.29 10.90 22.19
N CYS E 98 -4.58 11.04 21.90
CA CYS E 98 -5.04 11.04 20.52
C CYS E 98 -5.01 12.46 20.02
N MET E 99 -4.52 12.65 18.79
CA MET E 99 -4.56 13.94 18.11
C MET E 99 -5.24 13.72 16.77
N ILE E 100 -6.37 14.39 16.55
CA ILE E 100 -7.19 14.22 15.36
C ILE E 100 -7.25 15.54 14.61
N SER E 101 -6.98 15.49 13.32
CA SER E 101 -7.21 16.60 12.40
C SER E 101 -8.26 16.18 11.38
N TYR E 102 -9.31 16.98 11.26
CA TYR E 102 -10.37 16.73 10.30
C TYR E 102 -11.00 18.08 9.97
N GLY E 103 -10.28 18.86 9.16
CA GLY E 103 -10.58 20.27 9.00
C GLY E 103 -10.00 21.05 10.15
N GLY E 104 -10.71 21.08 11.26
CA GLY E 104 -10.13 21.56 12.48
C GLY E 104 -9.27 20.48 13.11
N ALA E 105 -8.67 20.83 14.24
CA ALA E 105 -7.80 19.89 14.93
C ALA E 105 -8.00 20.04 16.43
N ASP E 106 -7.88 18.91 17.14
CA ASP E 106 -7.95 18.88 18.59
C ASP E 106 -7.32 17.59 19.08
N TYR E 107 -7.13 17.51 20.39
CA TYR E 107 -6.57 16.31 21.02
C TYR E 107 -7.13 16.13 22.42
N LYS E 108 -7.03 14.89 22.92
CA LYS E 108 -7.34 14.58 24.31
C LYS E 108 -6.31 13.60 24.86
N ARG E 109 -6.22 13.58 26.18
CA ARG E 109 -5.37 12.65 26.92
C ARG E 109 -6.17 11.59 27.66
N ILE E 110 -5.64 10.38 27.67
CA ILE E 110 -6.20 9.24 28.37
C ILE E 110 -5.08 8.61 29.17
N THR E 111 -5.34 8.31 30.43
CA THR E 111 -4.39 7.59 31.27
C THR E 111 -4.75 6.12 31.28
N VAL E 112 -3.74 5.25 31.17
CA VAL E 112 -3.90 3.81 31.31
C VAL E 112 -3.11 3.33 32.53
N LYS E 113 -3.78 2.56 33.39
CA LYS E 113 -3.13 1.87 34.49
C LYS E 113 -3.28 0.37 34.24
N VAL E 114 -2.22 -0.40 34.48
CA VAL E 114 -2.22 -1.84 34.19
C VAL E 114 -2.09 -2.60 35.50
N ASN E 115 -3.09 -3.45 35.78
CA ASN E 115 -3.09 -4.29 36.97
C ASN E 115 -2.44 -5.64 36.66
N ALA E 116 -2.83 -6.68 37.40
CA ALA E 116 -2.34 -8.04 37.25
C ALA E 116 -3.47 -9.01 37.57
N PRO E 117 -3.43 -10.22 37.02
CA PRO E 117 -4.52 -11.18 37.25
C PRO E 117 -4.57 -11.67 38.69
N TYR E 118 -5.60 -12.44 38.98
CA TYR E 118 -5.78 -13.00 40.31
C TYR E 118 -6.33 -14.42 40.26
N ASP F 1 -0.88 22.49 13.35
CA ASP F 1 -1.01 21.52 14.44
C ASP F 1 -0.68 20.10 14.00
N PRO F 2 -1.29 19.60 12.93
CA PRO F 2 -0.80 18.33 12.37
C PRO F 2 0.63 18.45 11.88
N ALA F 3 1.03 19.62 11.40
CA ALA F 3 2.44 19.87 11.11
C ALA F 3 3.28 19.57 12.36
N LEU F 4 2.89 20.15 13.49
CA LEU F 4 3.64 19.94 14.74
C LEU F 4 3.66 18.48 15.16
N TRP F 5 2.53 17.79 15.02
CA TRP F 5 2.49 16.40 15.45
C TRP F 5 3.37 15.52 14.57
N GLN F 6 3.38 15.78 13.26
CA GLN F 6 4.26 15.01 12.37
C GLN F 6 5.71 15.39 12.61
N CYS F 7 5.97 16.63 13.00
CA CYS F 7 7.32 17.02 13.39
C CYS F 7 7.83 16.16 14.53
N VAL F 8 6.97 15.89 15.51
CA VAL F 8 7.40 15.14 16.67
C VAL F 8 7.45 13.64 16.37
N PHE F 9 6.45 13.12 15.64
CA PHE F 9 6.46 11.70 15.30
C PHE F 9 7.69 11.34 14.48
N ALA F 10 8.08 12.21 13.56
CA ALA F 10 9.27 11.94 12.74
C ALA F 10 10.55 12.15 13.52
N ALA F 11 10.58 13.13 14.42
CA ALA F 11 11.77 13.36 15.24
C ALA F 11 12.06 12.17 16.15
N ARG F 12 11.02 11.60 16.76
CA ARG F 12 11.24 10.46 17.65
C ARG F 12 11.58 9.21 16.85
N TYR F 13 10.88 8.97 15.74
CA TYR F 13 11.22 7.83 14.90
C TYR F 13 12.67 7.90 14.43
N CYS F 14 13.13 9.09 14.05
CA CYS F 14 14.55 9.30 13.71
C CYS F 14 15.46 8.87 14.85
N TYR F 15 15.06 9.18 16.09
CA TYR F 15 15.88 8.81 17.23
C TYR F 15 15.85 7.30 17.45
N GLU F 16 14.65 6.70 17.40
CA GLU F 16 14.52 5.27 17.67
C GLU F 16 15.26 4.42 16.65
N GLU F 17 15.52 4.95 15.47
CA GLU F 17 16.13 4.18 14.39
C GLU F 17 17.52 4.69 14.02
N ALA G 2 -19.61 -23.88 6.94
CA ALA G 2 -19.98 -23.93 8.34
C ALA G 2 -18.92 -23.25 9.19
N PHE G 3 -18.27 -24.06 10.02
CA PHE G 3 -17.23 -23.59 10.92
C PHE G 3 -15.90 -24.06 10.33
N THR G 4 -15.09 -23.11 9.86
CA THR G 4 -13.76 -23.39 9.34
C THR G 4 -12.71 -22.69 10.18
N VAL G 5 -11.62 -23.39 10.44
CA VAL G 5 -10.44 -22.78 11.04
C VAL G 5 -9.41 -22.60 9.94
N THR G 6 -8.83 -21.40 9.86
CA THR G 6 -7.83 -21.08 8.85
C THR G 6 -6.50 -20.78 9.53
N VAL G 7 -5.41 -20.94 8.79
CA VAL G 7 -4.07 -20.54 9.23
C VAL G 7 -3.51 -19.56 8.22
N PRO G 8 -2.97 -18.42 8.65
CA PRO G 8 -2.38 -17.49 7.68
C PRO G 8 -1.34 -18.20 6.84
N LYS G 9 -0.30 -18.73 7.48
CA LYS G 9 0.57 -19.70 6.86
C LYS G 9 0.59 -20.97 7.70
N ASP G 10 0.95 -22.09 7.09
CA ASP G 10 0.93 -23.39 7.77
C ASP G 10 2.30 -23.97 8.04
N LEU G 11 3.36 -23.20 7.78
CA LEU G 11 4.74 -23.64 7.98
C LEU G 11 5.51 -22.42 8.45
N TYR G 12 6.14 -22.52 9.61
CA TYR G 12 6.99 -21.46 10.13
C TYR G 12 8.42 -21.96 10.27
N VAL G 13 9.37 -21.24 9.69
CA VAL G 13 10.79 -21.51 9.90
C VAL G 13 11.35 -20.42 10.81
N VAL G 14 11.83 -20.83 11.98
CA VAL G 14 12.23 -19.89 13.02
C VAL G 14 13.64 -20.24 13.48
N GLU G 15 14.38 -19.24 13.93
CA GLU G 15 15.72 -19.47 14.43
C GLU G 15 15.62 -19.88 15.90
N TYR G 16 16.45 -20.84 16.28
CA TYR G 16 16.58 -21.24 17.67
C TYR G 16 16.80 -20.04 18.58
N GLY G 17 16.08 -20.04 19.70
CA GLY G 17 16.17 -19.02 20.72
C GLY G 17 15.30 -17.81 20.50
N SER G 18 14.64 -17.71 19.34
CA SER G 18 13.72 -16.61 19.11
C SER G 18 12.38 -16.92 19.77
N ASN G 19 11.46 -15.97 19.69
CA ASN G 19 10.07 -16.22 20.05
C ASN G 19 9.24 -16.33 18.78
N MET G 20 8.33 -17.29 18.77
CA MET G 20 7.45 -17.48 17.63
C MET G 20 6.00 -17.39 18.07
N THR G 21 5.18 -16.88 17.16
CA THR G 21 3.73 -16.84 17.32
C THR G 21 3.11 -17.47 16.09
N ILE G 22 2.38 -18.56 16.30
CA ILE G 22 1.66 -19.24 15.23
C ILE G 22 0.17 -19.06 15.48
N GLU G 23 -0.58 -18.92 14.39
CA GLU G 23 -1.96 -18.44 14.48
C GLU G 23 -2.91 -19.37 13.78
N CYS G 24 -4.10 -19.49 14.37
CA CYS G 24 -5.26 -20.12 13.76
C CYS G 24 -6.42 -19.15 13.86
N LYS G 25 -7.14 -18.98 12.77
CA LYS G 25 -8.26 -18.06 12.76
C LYS G 25 -9.52 -18.91 12.76
N PHE G 26 -10.56 -18.39 13.38
CA PHE G 26 -11.84 -19.08 13.46
C PHE G 26 -12.92 -18.03 13.38
N PRO G 27 -14.14 -18.42 12.99
CA PRO G 27 -15.16 -17.41 12.73
C PRO G 27 -15.78 -16.91 14.04
N VAL G 28 -15.84 -15.59 14.16
CA VAL G 28 -16.49 -14.90 15.28
C VAL G 28 -17.36 -13.81 14.71
N GLU G 29 -18.59 -13.70 15.22
CA GLU G 29 -19.48 -12.67 14.75
C GLU G 29 -18.99 -11.34 15.31
N LYS G 30 -19.84 -10.63 16.05
CA LYS G 30 -19.34 -9.41 16.67
C LYS G 30 -18.67 -9.72 18.01
N GLN G 31 -19.46 -10.25 18.94
CA GLN G 31 -18.91 -10.53 20.27
C GLN G 31 -18.46 -11.98 20.34
N LEU G 32 -17.74 -12.34 21.39
CA LEU G 32 -17.28 -13.71 21.60
C LEU G 32 -17.97 -14.31 22.80
N ASP G 33 -18.51 -15.53 22.61
CA ASP G 33 -19.12 -16.32 23.67
C ASP G 33 -18.05 -17.24 24.25
N LEU G 34 -17.40 -16.79 25.33
CA LEU G 34 -16.30 -17.57 25.89
C LEU G 34 -16.76 -18.90 26.47
N ALA G 35 -18.01 -19.00 26.89
CA ALA G 35 -18.53 -20.29 27.34
C ALA G 35 -18.44 -21.31 26.22
N ALA G 36 -18.62 -20.86 24.99
CA ALA G 36 -18.72 -21.73 23.82
C ALA G 36 -17.36 -22.17 23.30
N LEU G 37 -16.31 -21.43 23.63
CA LEU G 37 -15.02 -21.58 22.97
C LEU G 37 -14.22 -22.69 23.62
N ILE G 38 -13.71 -23.60 22.78
CA ILE G 38 -12.78 -24.64 23.19
C ILE G 38 -11.57 -24.56 22.27
N VAL G 39 -10.37 -24.49 22.86
CA VAL G 39 -9.11 -24.44 22.11
C VAL G 39 -8.15 -25.51 22.64
N TYR G 40 -7.53 -26.25 21.73
CA TYR G 40 -6.48 -27.21 22.08
C TYR G 40 -5.32 -27.05 21.11
N TRP G 41 -4.12 -26.85 21.66
CA TRP G 41 -2.90 -26.89 20.87
C TRP G 41 -2.08 -28.13 21.25
N GLU G 42 -1.65 -28.86 20.23
CA GLU G 42 -0.87 -30.07 20.43
C GLU G 42 0.23 -30.05 19.38
N MET G 43 1.37 -30.61 19.74
CA MET G 43 2.39 -30.89 18.75
C MET G 43 2.93 -32.27 19.04
N GLU G 44 3.01 -33.08 17.99
CA GLU G 44 3.54 -34.43 18.13
C GLU G 44 2.62 -35.12 19.14
N ASP G 45 3.15 -35.77 20.18
CA ASP G 45 2.32 -36.39 21.20
C ASP G 45 2.32 -35.58 22.50
N LYS G 46 2.59 -34.28 22.42
CA LYS G 46 2.77 -33.42 23.56
C LYS G 46 1.54 -32.53 23.72
N ASN G 47 0.96 -32.49 24.91
CA ASN G 47 -0.15 -31.59 25.19
C ASN G 47 0.35 -30.17 25.42
N ILE G 48 0.06 -29.25 24.50
CA ILE G 48 0.56 -27.88 24.69
C ILE G 48 -0.43 -27.06 25.49
N ILE G 49 -1.64 -26.90 24.98
CA ILE G 49 -2.63 -25.96 25.51
C ILE G 49 -3.98 -26.64 25.55
N GLN G 50 -4.67 -26.56 26.69
CA GLN G 50 -6.07 -26.98 26.77
C GLN G 50 -6.90 -25.81 27.27
N PHE G 51 -7.71 -25.24 26.39
CA PHE G 51 -8.60 -24.14 26.74
C PHE G 51 -10.03 -24.55 26.38
N VAL G 52 -10.92 -24.53 27.35
CA VAL G 52 -12.28 -24.98 27.10
C VAL G 52 -13.25 -24.29 28.04
N HIS G 53 -14.44 -23.98 27.53
CA HIS G 53 -15.51 -23.35 28.31
C HIS G 53 -14.99 -22.13 29.09
N GLY G 54 -14.15 -21.35 28.44
CA GLY G 54 -13.65 -20.10 28.96
C GLY G 54 -12.52 -20.15 29.97
N GLU G 55 -11.90 -21.30 30.25
CA GLU G 55 -10.85 -21.30 31.26
C GLU G 55 -9.71 -22.14 30.73
N GLU G 56 -8.48 -21.75 31.04
CA GLU G 56 -7.29 -22.55 30.77
C GLU G 56 -7.12 -23.67 31.80
N ASP G 57 -6.41 -24.71 31.36
CA ASP G 57 -5.92 -25.79 32.22
C ASP G 57 -4.44 -25.96 31.90
N LEU G 58 -3.58 -25.59 32.85
CA LEU G 58 -2.13 -25.64 32.67
C LEU G 58 -1.49 -26.91 33.23
N LYS G 59 -2.30 -27.87 33.66
CA LYS G 59 -1.76 -29.08 34.25
C LYS G 59 -1.59 -30.18 33.22
N VAL G 60 -2.56 -30.30 32.32
CA VAL G 60 -2.46 -31.22 31.20
C VAL G 60 -1.28 -30.87 30.30
N GLN G 61 -0.78 -29.64 30.39
CA GLN G 61 0.28 -29.21 29.50
C GLN G 61 1.53 -30.06 29.72
N HIS G 62 2.18 -30.42 28.61
CA HIS G 62 3.43 -31.17 28.67
C HIS G 62 4.48 -30.35 29.39
N SER G 63 5.31 -31.02 30.19
CA SER G 63 6.25 -30.28 31.02
C SER G 63 7.25 -29.47 30.20
N SER G 64 7.62 -29.91 28.99
CA SER G 64 8.58 -29.10 28.23
C SER G 64 7.99 -27.75 27.84
N TYR G 65 6.66 -27.65 27.82
CA TYR G 65 5.94 -26.44 27.45
C TYR G 65 5.39 -25.67 28.65
N ARG G 66 5.65 -26.13 29.87
CA ARG G 66 5.05 -25.46 31.01
C ARG G 66 5.42 -23.99 31.08
N GLN G 67 4.52 -23.18 30.53
CA GLN G 67 4.61 -21.72 30.47
C GLN G 67 5.78 -21.19 29.65
N ARG G 68 6.59 -22.08 29.09
CA ARG G 68 7.46 -21.64 28.00
C ARG G 68 6.62 -21.30 26.78
N ALA G 69 5.40 -21.84 26.73
CA ALA G 69 4.43 -21.68 25.66
C ALA G 69 3.09 -21.34 26.28
N ARG G 70 2.39 -20.35 25.76
CA ARG G 70 1.08 -20.04 26.31
C ARG G 70 0.21 -19.41 25.25
N LEU G 71 -1.10 -19.55 25.41
CA LEU G 71 -2.06 -19.08 24.42
C LEU G 71 -2.42 -17.62 24.71
N LEU G 72 -2.39 -16.80 23.66
CA LEU G 72 -2.63 -15.36 23.79
C LEU G 72 -4.13 -15.13 23.80
N LYS G 73 -4.69 -14.90 24.98
CA LYS G 73 -6.13 -14.81 25.14
C LYS G 73 -6.70 -13.66 24.31
N ASP G 74 -6.18 -12.45 24.53
CA ASP G 74 -6.77 -11.25 23.96
C ASP G 74 -6.96 -11.30 22.45
N GLN G 75 -6.33 -12.26 21.77
CA GLN G 75 -6.58 -12.44 20.34
C GLN G 75 -7.85 -13.22 20.07
N LEU G 76 -8.35 -13.96 21.06
CA LEU G 76 -9.53 -14.78 20.85
C LEU G 76 -10.73 -13.95 20.44
N SER G 77 -10.96 -12.81 21.11
CA SER G 77 -12.11 -11.98 20.75
C SER G 77 -12.05 -11.50 19.31
N LEU G 78 -10.90 -11.62 18.66
CA LEU G 78 -10.75 -11.32 17.24
C LEU G 78 -10.84 -12.56 16.37
N GLY G 79 -11.15 -13.71 16.97
CA GLY G 79 -11.15 -14.95 16.23
C GLY G 79 -9.80 -15.52 15.93
N ASN G 80 -8.80 -15.24 16.78
CA ASN G 80 -7.44 -15.71 16.56
C ASN G 80 -6.96 -16.47 17.78
N ALA G 81 -6.72 -17.76 17.60
CA ALA G 81 -6.08 -18.61 18.60
C ALA G 81 -4.59 -18.61 18.29
N ALA G 82 -3.83 -17.81 19.02
CA ALA G 82 -2.42 -17.54 18.73
C ALA G 82 -1.54 -18.16 19.81
N LEU G 83 -0.79 -19.19 19.46
CA LEU G 83 0.10 -19.83 20.40
C LEU G 83 1.47 -19.18 20.26
N GLN G 84 1.95 -18.58 21.34
CA GLN G 84 3.29 -18.02 21.42
C GLN G 84 4.17 -18.95 22.25
N ILE G 85 5.33 -19.28 21.70
CA ILE G 85 6.35 -20.05 22.42
C ILE G 85 7.60 -19.20 22.52
N THR G 86 8.07 -18.99 23.75
CA THR G 86 9.27 -18.22 24.01
C THR G 86 10.45 -19.18 24.09
N ASP G 87 11.63 -18.70 23.69
CA ASP G 87 12.86 -19.45 23.80
C ASP G 87 12.71 -20.82 23.10
N VAL G 88 12.56 -20.73 21.77
CA VAL G 88 12.31 -21.92 20.97
C VAL G 88 13.52 -22.84 21.08
N LYS G 89 13.25 -24.13 21.21
CA LYS G 89 14.30 -25.13 21.33
C LYS G 89 14.28 -25.98 20.08
N LEU G 90 15.37 -26.73 19.85
CA LEU G 90 15.39 -27.61 18.69
C LEU G 90 14.23 -28.59 18.76
N GLN G 91 13.91 -29.06 19.97
CA GLN G 91 12.84 -30.03 20.18
C GLN G 91 11.46 -29.41 20.06
N ASP G 92 11.38 -28.09 19.84
CA ASP G 92 10.12 -27.46 19.46
C ASP G 92 9.82 -27.61 17.99
N ALA G 93 10.76 -28.13 17.20
CA ALA G 93 10.49 -28.46 15.82
C ALA G 93 9.54 -29.63 15.72
N GLY G 94 8.63 -29.57 14.77
CA GLY G 94 7.71 -30.65 14.55
C GLY G 94 6.40 -30.13 14.01
N VAL G 95 5.38 -30.99 14.10
CA VAL G 95 4.06 -30.71 13.53
C VAL G 95 3.13 -30.30 14.67
N TYR G 96 2.52 -29.12 14.52
CA TYR G 96 1.57 -28.60 15.48
C TYR G 96 0.17 -28.70 14.91
N ARG G 97 -0.82 -28.58 15.79
CA ARG G 97 -2.21 -28.73 15.39
C ARG G 97 -3.10 -27.99 16.39
N CYS G 98 -3.76 -26.93 15.93
CA CYS G 98 -4.78 -26.29 16.73
C CYS G 98 -6.11 -26.96 16.46
N MET G 99 -6.88 -27.17 17.50
CA MET G 99 -8.23 -27.70 17.40
C MET G 99 -9.17 -26.76 18.12
N ILE G 100 -10.12 -26.19 17.39
CA ILE G 100 -11.02 -25.16 17.93
C ILE G 100 -12.45 -25.66 17.83
N SER G 101 -13.18 -25.56 18.94
CA SER G 101 -14.62 -25.75 19.00
C SER G 101 -15.26 -24.43 19.41
N TYR G 102 -16.21 -23.95 18.62
CA TYR G 102 -16.93 -22.72 18.91
C TYR G 102 -18.29 -22.83 18.24
N GLY G 103 -19.16 -23.63 18.85
CA GLY G 103 -20.36 -24.08 18.19
C GLY G 103 -19.99 -25.24 17.29
N GLY G 104 -19.47 -24.94 16.10
CA GLY G 104 -18.84 -25.95 15.31
C GLY G 104 -17.42 -26.22 15.78
N ALA G 105 -16.78 -27.18 15.12
CA ALA G 105 -15.43 -27.55 15.47
C ALA G 105 -14.65 -27.85 14.20
N ASP G 106 -13.36 -27.52 14.23
CA ASP G 106 -12.45 -27.82 13.13
C ASP G 106 -11.03 -27.74 13.66
N TYR G 107 -10.09 -28.18 12.84
CA TYR G 107 -8.68 -28.13 13.19
C TYR G 107 -7.82 -27.95 11.94
N LYS G 108 -6.60 -27.47 12.15
CA LYS G 108 -5.61 -27.37 11.10
C LYS G 108 -4.25 -27.79 11.68
N ARG G 109 -3.34 -28.17 10.79
CA ARG G 109 -1.96 -28.51 11.13
C ARG G 109 -0.97 -27.46 10.64
N ILE G 110 0.05 -27.19 11.46
CA ILE G 110 1.13 -26.27 11.16
C ILE G 110 2.45 -26.97 11.46
N THR G 111 3.39 -26.88 10.51
CA THR G 111 4.76 -27.39 10.70
C THR G 111 5.70 -26.26 11.11
N VAL G 112 6.56 -26.56 12.07
CA VAL G 112 7.62 -25.66 12.52
C VAL G 112 8.98 -26.28 12.22
N LYS G 113 9.86 -25.50 11.61
CA LYS G 113 11.26 -25.88 11.43
C LYS G 113 12.12 -24.92 12.23
N VAL G 114 13.12 -25.46 12.92
CA VAL G 114 14.00 -24.71 13.81
C VAL G 114 15.43 -24.72 13.26
N ASN G 115 16.04 -23.54 13.13
CA ASN G 115 17.42 -23.42 12.65
C ASN G 115 18.45 -23.57 13.77
N ASP H 1 -16.10 -34.67 19.20
CA ASP H 1 -14.81 -34.22 18.67
C ASP H 1 -14.02 -33.45 19.72
N PRO H 2 -14.61 -32.43 20.35
CA PRO H 2 -13.98 -31.90 21.57
C PRO H 2 -14.01 -32.91 22.69
N ALA H 3 -14.99 -33.81 22.66
CA ALA H 3 -14.98 -34.93 23.59
C ALA H 3 -13.79 -35.84 23.34
N LEU H 4 -13.50 -36.12 22.07
CA LEU H 4 -12.36 -36.97 21.73
C LEU H 4 -11.03 -36.24 21.96
N TRP H 5 -10.98 -34.92 21.77
CA TRP H 5 -9.72 -34.24 22.00
C TRP H 5 -9.37 -34.20 23.48
N GLN H 6 -10.35 -33.88 24.33
CA GLN H 6 -10.10 -33.86 25.77
C GLN H 6 -9.78 -35.25 26.29
N CYS H 7 -10.33 -36.29 25.66
CA CYS H 7 -10.00 -37.66 26.03
C CYS H 7 -8.53 -37.94 25.84
N VAL H 8 -7.99 -37.59 24.67
CA VAL H 8 -6.58 -37.83 24.42
C VAL H 8 -5.70 -36.90 25.25
N PHE H 9 -6.10 -35.63 25.38
CA PHE H 9 -5.33 -34.71 26.20
C PHE H 9 -5.28 -35.18 27.65
N ALA H 10 -6.36 -35.78 28.14
CA ALA H 10 -6.38 -36.30 29.50
C ALA H 10 -5.64 -37.62 29.61
N ALA H 11 -5.56 -38.39 28.53
CA ALA H 11 -4.86 -39.68 28.59
C ALA H 11 -3.35 -39.49 28.62
N ARG H 12 -2.84 -38.50 27.86
CA ARG H 12 -1.41 -38.28 27.81
C ARG H 12 -0.90 -37.60 29.07
N TYR H 13 -1.65 -36.63 29.60
CA TYR H 13 -1.27 -36.00 30.85
C TYR H 13 -1.28 -37.02 31.98
N CYS H 14 -2.20 -37.98 31.93
CA CYS H 14 -2.12 -39.11 32.85
C CYS H 14 -0.82 -39.87 32.70
N TYR H 15 -0.36 -40.03 31.47
CA TYR H 15 0.87 -40.79 31.23
C TYR H 15 2.11 -39.98 31.59
N GLU H 16 2.12 -38.69 31.25
CA GLU H 16 3.28 -37.85 31.54
C GLU H 16 3.48 -37.64 33.03
N GLU H 17 2.39 -37.59 33.79
CA GLU H 17 2.48 -37.31 35.22
C GLU H 17 2.92 -38.55 35.98
N ALA I 2 41.15 7.81 -21.09
CA ALA I 2 41.45 6.44 -20.75
C ALA I 2 40.21 5.71 -20.26
N PHE I 3 40.23 5.29 -19.00
CA PHE I 3 39.12 4.57 -18.38
C PHE I 3 38.42 5.51 -17.39
N THR I 4 37.18 5.87 -17.68
CA THR I 4 36.37 6.70 -16.80
C THR I 4 35.16 5.93 -16.30
N VAL I 5 34.86 6.08 -15.01
CA VAL I 5 33.61 5.61 -14.46
C VAL I 5 32.70 6.80 -14.23
N THR I 6 31.46 6.70 -14.68
CA THR I 6 30.45 7.73 -14.55
C THR I 6 29.32 7.22 -13.67
N VAL I 7 28.56 8.15 -13.09
CA VAL I 7 27.35 7.83 -12.34
C VAL I 7 26.21 8.58 -12.99
N PRO I 8 25.05 7.94 -13.27
CA PRO I 8 23.92 8.67 -13.84
C PRO I 8 23.59 9.87 -12.97
N LYS I 9 23.21 9.64 -11.71
CA LYS I 9 23.18 10.72 -10.73
C LYS I 9 24.10 10.36 -9.56
N ASP I 10 24.55 11.39 -8.83
CA ASP I 10 25.50 11.17 -7.75
C ASP I 10 24.95 11.39 -6.34
N LEU I 11 23.65 11.65 -6.19
CA LEU I 11 23.08 11.89 -4.87
C LEU I 11 21.69 11.30 -4.90
N TYR I 12 21.37 10.39 -3.99
CA TYR I 12 20.00 9.88 -3.91
C TYR I 12 19.37 10.19 -2.56
N VAL I 13 18.19 10.82 -2.58
CA VAL I 13 17.38 11.01 -1.38
C VAL I 13 16.21 10.04 -1.46
N VAL I 14 16.14 9.12 -0.50
CA VAL I 14 15.19 8.02 -0.57
C VAL I 14 14.42 7.94 0.75
N GLU I 15 13.18 7.47 0.67
CA GLU I 15 12.37 7.30 1.87
C GLU I 15 12.69 5.95 2.48
N TYR I 16 12.74 5.93 3.81
CA TYR I 16 12.90 4.70 4.57
C TYR I 16 11.93 3.61 4.16
N GLY I 17 12.48 2.40 4.02
CA GLY I 17 11.74 1.20 3.69
C GLY I 17 11.54 0.97 2.21
N SER I 18 11.95 1.91 1.37
CA SER I 18 11.85 1.70 -0.07
C SER I 18 13.03 0.85 -0.54
N ASN I 19 13.05 0.52 -1.81
CA ASN I 19 14.21 -0.05 -2.46
C ASN I 19 14.89 0.99 -3.33
N MET I 20 16.21 1.02 -3.29
CA MET I 20 16.95 1.97 -4.12
C MET I 20 17.92 1.23 -5.01
N THR I 21 18.13 1.79 -6.19
CA THR I 21 19.13 1.30 -7.13
C THR I 21 20.03 2.47 -7.50
N ILE I 22 21.31 2.37 -7.20
CA ILE I 22 22.28 3.39 -7.55
C ILE I 22 23.22 2.77 -8.57
N GLU I 23 23.67 3.58 -9.53
CA GLU I 23 24.31 3.08 -10.74
C GLU I 23 25.66 3.76 -10.94
N CYS I 24 26.62 2.99 -11.44
CA CYS I 24 27.88 3.50 -11.95
C CYS I 24 28.12 2.93 -13.35
N LYS I 25 28.51 3.79 -14.29
CA LYS I 25 28.75 3.34 -15.65
C LYS I 25 30.24 3.32 -15.91
N PHE I 26 30.65 2.38 -16.75
CA PHE I 26 32.03 2.16 -17.16
C PHE I 26 32.01 1.71 -18.61
N PRO I 27 33.11 1.87 -19.33
CA PRO I 27 33.07 1.64 -20.78
C PRO I 27 33.13 0.18 -21.20
N VAL I 28 31.95 -0.42 -21.38
CA VAL I 28 31.77 -1.76 -21.91
C VAL I 28 30.68 -1.70 -22.96
N GLU I 29 30.96 -2.24 -24.14
CA GLU I 29 29.98 -2.22 -25.21
C GLU I 29 29.99 -3.53 -26.00
N LYS I 30 31.19 -4.05 -26.27
CA LYS I 30 31.31 -5.34 -26.92
C LYS I 30 31.34 -6.43 -25.86
N GLN I 31 31.71 -7.62 -26.30
CA GLN I 31 31.71 -8.79 -25.39
C GLN I 31 32.42 -8.42 -24.09
N LEU I 32 31.70 -8.53 -22.97
CA LEU I 32 32.35 -8.28 -21.69
C LEU I 32 33.30 -9.41 -21.31
N ASP I 33 34.52 -9.03 -20.91
CA ASP I 33 35.53 -9.96 -20.43
C ASP I 33 35.38 -10.02 -18.91
N LEU I 34 34.61 -10.99 -18.43
CA LEU I 34 34.32 -11.08 -16.99
C LEU I 34 35.56 -11.38 -16.16
N ALA I 35 36.56 -12.04 -16.74
CA ALA I 35 37.82 -12.27 -16.03
C ALA I 35 38.48 -10.96 -15.61
N ALA I 36 38.36 -9.94 -16.45
CA ALA I 36 39.05 -8.67 -16.28
C ALA I 36 38.33 -7.74 -15.32
N LEU I 37 37.04 -7.96 -15.08
CA LEU I 37 36.19 -6.98 -14.41
C LEU I 37 36.33 -7.11 -12.90
N ILE I 38 36.57 -5.98 -12.23
CA ILE I 38 36.56 -5.91 -10.78
C ILE I 38 35.64 -4.76 -10.35
N VAL I 39 34.70 -5.06 -9.44
CA VAL I 39 33.76 -4.10 -8.89
C VAL I 39 33.79 -4.14 -7.36
N TYR I 40 33.85 -2.97 -6.72
CA TYR I 40 33.74 -2.86 -5.27
C TYR I 40 32.79 -1.72 -4.92
N TRP I 41 31.78 -2.02 -4.11
CA TRP I 41 30.92 -1.00 -3.52
C TRP I 41 31.17 -0.91 -2.02
N GLU I 42 31.37 0.33 -1.54
CA GLU I 42 31.63 0.57 -0.13
C GLU I 42 30.82 1.78 0.27
N MET I 43 30.39 1.81 1.53
CA MET I 43 29.80 3.02 2.08
C MET I 43 30.36 3.22 3.48
N GLU I 44 30.77 4.45 3.79
CA GLU I 44 31.27 4.74 5.13
C GLU I 44 32.46 3.81 5.32
N ASP I 45 32.56 3.07 6.43
CA ASP I 45 33.64 2.11 6.59
C ASP I 45 33.16 0.66 6.40
N LYS I 46 32.06 0.45 5.68
CA LYS I 46 31.43 -0.85 5.54
C LYS I 46 31.69 -1.42 4.15
N ASN I 47 32.15 -2.66 4.08
CA ASN I 47 32.34 -3.35 2.81
C ASN I 47 30.98 -3.83 2.30
N ILE I 48 30.49 -3.26 1.21
CA ILE I 48 29.18 -3.68 0.71
C ILE I 48 29.32 -4.85 -0.25
N ILE I 49 30.04 -4.63 -1.35
CA ILE I 49 30.10 -5.57 -2.46
C ILE I 49 31.54 -5.71 -2.91
N GLN I 50 32.02 -6.94 -3.01
CA GLN I 50 33.31 -7.26 -3.61
C GLN I 50 33.08 -8.24 -4.75
N PHE I 51 33.25 -7.74 -5.98
CA PHE I 51 33.14 -8.55 -7.18
C PHE I 51 34.45 -8.41 -7.94
N VAL I 52 35.11 -9.53 -8.21
CA VAL I 52 36.40 -9.48 -8.87
C VAL I 52 36.64 -10.77 -9.63
N HIS I 53 37.29 -10.64 -10.80
CA HIS I 53 37.62 -11.80 -11.62
C HIS I 53 36.43 -12.73 -11.81
N GLY I 54 35.23 -12.17 -12.03
CA GLY I 54 34.19 -13.12 -12.30
C GLY I 54 33.63 -13.79 -11.06
N GLU I 55 33.99 -13.30 -9.87
CA GLU I 55 33.61 -13.92 -8.61
C GLU I 55 33.12 -12.86 -7.66
N GLU I 56 32.16 -13.25 -6.82
CA GLU I 56 31.71 -12.46 -5.69
C GLU I 56 31.97 -13.24 -4.41
N ASP I 57 32.19 -12.52 -3.32
CA ASP I 57 32.31 -13.13 -2.00
C ASP I 57 31.45 -12.33 -1.03
N LEU I 58 30.39 -12.95 -0.52
CA LEU I 58 29.46 -12.30 0.39
C LEU I 58 29.80 -12.54 1.85
N LYS I 59 30.98 -13.05 2.14
CA LYS I 59 31.44 -13.10 3.52
C LYS I 59 32.29 -11.89 3.89
N VAL I 60 32.94 -11.26 2.91
CA VAL I 60 33.59 -9.98 3.16
C VAL I 60 32.56 -8.87 3.35
N GLN I 61 31.33 -9.11 2.90
CA GLN I 61 30.27 -8.11 2.99
C GLN I 61 29.97 -7.76 4.43
N HIS I 62 29.74 -6.48 4.70
CA HIS I 62 29.37 -6.06 6.05
C HIS I 62 28.07 -6.72 6.45
N SER I 63 27.97 -7.11 7.71
CA SER I 63 26.81 -7.88 8.14
C SER I 63 25.51 -7.11 7.99
N SER I 64 25.52 -5.77 8.07
CA SER I 64 24.26 -5.07 7.92
C SER I 64 23.64 -5.20 6.55
N TYR I 65 24.43 -5.54 5.53
CA TYR I 65 23.90 -5.66 4.18
C TYR I 65 23.67 -7.09 3.73
N ARG I 66 23.94 -8.08 4.57
CA ARG I 66 23.79 -9.45 4.09
C ARG I 66 22.36 -9.72 3.66
N GLN I 67 22.21 -10.25 2.45
CA GLN I 67 20.93 -10.61 1.83
C GLN I 67 20.03 -9.39 1.63
N ARG I 68 20.46 -8.22 2.11
CA ARG I 68 19.74 -6.97 1.88
C ARG I 68 20.31 -6.14 0.74
N ALA I 69 21.56 -6.35 0.36
CA ALA I 69 22.20 -5.62 -0.73
C ALA I 69 22.91 -6.59 -1.65
N ARG I 70 22.73 -6.41 -2.96
CA ARG I 70 23.43 -7.28 -3.90
C ARG I 70 23.60 -6.53 -5.21
N LEU I 71 24.64 -6.91 -5.94
CA LEU I 71 24.99 -6.28 -7.21
C LEU I 71 24.23 -6.95 -8.33
N LEU I 72 23.63 -6.14 -9.19
CA LEU I 72 22.79 -6.63 -10.29
C LEU I 72 23.69 -7.06 -11.43
N LYS I 73 23.86 -8.38 -11.58
CA LYS I 73 24.83 -8.94 -12.51
C LYS I 73 24.54 -8.56 -13.96
N ASP I 74 23.40 -8.98 -14.49
CA ASP I 74 23.12 -8.85 -15.91
C ASP I 74 23.28 -7.44 -16.47
N GLN I 75 23.38 -6.43 -15.61
CA GLN I 75 23.67 -5.07 -16.06
C GLN I 75 25.15 -4.84 -16.34
N LEU I 76 26.04 -5.69 -15.81
CA LEU I 76 27.47 -5.50 -15.96
C LEU I 76 27.93 -5.55 -17.42
N SER I 77 27.44 -6.51 -18.19
CA SER I 77 27.84 -6.63 -19.59
C SER I 77 27.55 -5.38 -20.42
N LEU I 78 26.76 -4.44 -19.90
CA LEU I 78 26.53 -3.14 -20.50
C LEU I 78 27.40 -2.04 -19.91
N GLY I 79 28.34 -2.39 -19.04
CA GLY I 79 29.11 -1.35 -18.39
C GLY I 79 28.38 -0.65 -17.28
N ASN I 80 27.45 -1.34 -16.61
CA ASN I 80 26.67 -0.75 -15.52
C ASN I 80 26.84 -1.63 -14.29
N ALA I 81 27.46 -1.07 -13.26
CA ALA I 81 27.56 -1.67 -11.93
C ALA I 81 26.42 -1.11 -11.09
N ALA I 82 25.34 -1.86 -10.92
CA ALA I 82 24.13 -1.34 -10.31
C ALA I 82 23.92 -2.00 -8.96
N LEU I 83 24.07 -1.22 -7.89
CA LEU I 83 23.87 -1.72 -6.53
C LEU I 83 22.44 -1.41 -6.12
N GLN I 84 21.68 -2.46 -5.82
CA GLN I 84 20.33 -2.36 -5.28
C GLN I 84 20.34 -2.71 -3.80
N ILE I 85 19.71 -1.86 -2.99
CA ILE I 85 19.52 -2.14 -1.57
C ILE I 85 18.03 -2.14 -1.30
N THR I 86 17.54 -3.24 -0.75
CA THR I 86 16.13 -3.40 -0.41
C THR I 86 15.94 -3.01 1.05
N ASP I 87 14.77 -2.47 1.35
CA ASP I 87 14.41 -2.14 2.73
C ASP I 87 15.46 -1.21 3.34
N VAL I 88 15.51 -0.01 2.78
CA VAL I 88 16.51 0.97 3.20
C VAL I 88 16.29 1.34 4.64
N LYS I 89 17.38 1.44 5.39
CA LYS I 89 17.31 1.77 6.80
C LYS I 89 17.91 3.16 6.99
N LEU I 90 17.63 3.77 8.13
CA LEU I 90 18.22 5.08 8.40
C LEU I 90 19.73 5.00 8.34
N GLN I 91 20.29 3.89 8.83
CA GLN I 91 21.73 3.69 8.84
C GLN I 91 22.28 3.35 7.46
N ASP I 92 21.43 3.24 6.44
CA ASP I 92 21.88 3.16 5.07
C ASP I 92 22.18 4.52 4.49
N ALA I 93 21.84 5.59 5.21
CA ALA I 93 22.23 6.93 4.80
C ALA I 93 23.73 7.11 4.94
N GLY I 94 24.32 7.79 3.99
CA GLY I 94 25.73 8.09 4.06
C GLY I 94 26.32 8.17 2.66
N VAL I 95 27.64 8.09 2.61
CA VAL I 95 28.39 8.26 1.37
C VAL I 95 28.82 6.89 0.88
N TYR I 96 28.46 6.60 -0.38
CA TYR I 96 28.80 5.36 -1.06
C TYR I 96 29.87 5.63 -2.10
N ARG I 97 30.51 4.55 -2.57
CA ARG I 97 31.59 4.70 -3.54
C ARG I 97 31.76 3.39 -4.30
N CYS I 98 31.51 3.42 -5.62
CA CYS I 98 31.82 2.28 -6.47
C CYS I 98 33.25 2.41 -6.99
N MET I 99 33.97 1.29 -7.01
CA MET I 99 35.31 1.23 -7.57
C MET I 99 35.35 0.12 -8.60
N ILE I 100 35.64 0.47 -9.84
CA ILE I 100 35.58 -0.46 -10.96
C ILE I 100 36.96 -0.57 -11.58
N SER I 101 37.42 -1.80 -11.77
CA SER I 101 38.60 -2.13 -12.55
C SER I 101 38.19 -2.95 -13.75
N TYR I 102 38.58 -2.50 -14.94
CA TYR I 102 38.26 -3.24 -16.15
C TYR I 102 39.35 -2.87 -17.16
N GLY I 103 40.53 -3.44 -16.97
CA GLY I 103 41.70 -2.97 -17.67
C GLY I 103 42.23 -1.76 -16.96
N GLY I 104 41.66 -0.60 -17.25
CA GLY I 104 41.89 0.57 -16.44
C GLY I 104 41.03 0.52 -15.19
N ALA I 105 41.20 1.54 -14.35
CA ALA I 105 40.46 1.60 -13.11
C ALA I 105 40.07 3.04 -12.81
N ASP I 106 38.90 3.20 -12.20
CA ASP I 106 38.42 4.50 -11.77
C ASP I 106 37.34 4.25 -10.73
N TYR I 107 36.91 5.32 -10.08
CA TYR I 107 35.86 5.25 -9.08
C TYR I 107 35.07 6.55 -9.05
N LYS I 108 33.86 6.46 -8.49
CA LYS I 108 33.04 7.63 -8.23
C LYS I 108 32.39 7.47 -6.86
N ARG I 109 31.99 8.59 -6.30
CA ARG I 109 31.26 8.66 -5.03
C ARG I 109 29.81 9.07 -5.22
N ILE I 110 28.94 8.45 -4.44
CA ILE I 110 27.51 8.76 -4.44
C ILE I 110 27.06 8.94 -3.00
N THR I 111 26.32 10.01 -2.73
CA THR I 111 25.72 10.23 -1.42
C THR I 111 24.28 9.75 -1.39
N VAL I 112 23.90 9.07 -0.31
CA VAL I 112 22.53 8.67 -0.07
C VAL I 112 22.03 9.38 1.19
N LYS I 113 20.86 9.99 1.09
CA LYS I 113 20.15 10.55 2.23
C LYS I 113 18.85 9.80 2.43
N VAL I 114 18.53 9.47 3.68
CA VAL I 114 17.34 8.70 4.02
C VAL I 114 16.42 9.59 4.85
N ASN I 115 15.18 9.76 4.38
CA ASN I 115 14.23 10.57 5.13
C ASN I 115 13.50 9.69 6.15
N ALA I 116 12.66 10.33 6.96
CA ALA I 116 11.93 9.64 8.01
C ALA I 116 10.44 9.82 7.81
N PRO I 117 9.69 8.74 7.52
CA PRO I 117 8.23 8.74 7.36
C PRO I 117 7.51 9.45 8.51
N ASP J 1 45.74 0.18 -7.87
CA ASP J 1 44.47 0.75 -7.42
C ASP J 1 43.44 -0.30 -7.04
N PRO J 2 43.17 -1.29 -7.90
CA PRO J 2 42.39 -2.44 -7.43
C PRO J 2 43.09 -3.20 -6.33
N ALA J 3 44.43 -3.25 -6.39
CA ALA J 3 45.20 -3.79 -5.28
C ALA J 3 44.87 -3.07 -3.99
N LEU J 4 44.91 -1.74 -4.01
CA LEU J 4 44.62 -0.97 -2.81
C LEU J 4 43.21 -1.23 -2.29
N TRP J 5 42.24 -1.34 -3.20
CA TRP J 5 40.86 -1.55 -2.78
C TRP J 5 40.68 -2.91 -2.14
N GLN J 6 41.31 -3.94 -2.69
CA GLN J 6 41.21 -5.26 -2.06
C GLN J 6 41.99 -5.31 -0.76
N CYS J 7 43.08 -4.54 -0.64
CA CYS J 7 43.77 -4.44 0.63
C CYS J 7 42.84 -3.92 1.72
N VAL J 8 42.03 -2.91 1.42
CA VAL J 8 41.19 -2.31 2.45
C VAL J 8 39.94 -3.16 2.68
N PHE J 9 39.33 -3.68 1.61
CA PHE J 9 38.16 -4.52 1.77
C PHE J 9 38.46 -5.73 2.64
N ALA J 10 39.64 -6.33 2.45
CA ALA J 10 40.02 -7.49 3.25
C ALA J 10 40.41 -7.08 4.66
N ALA J 11 41.05 -5.93 4.80
CA ALA J 11 41.42 -5.47 6.15
C ALA J 11 40.20 -5.28 7.02
N ARG J 12 39.13 -4.70 6.45
CA ARG J 12 37.92 -4.46 7.24
C ARG J 12 37.18 -5.77 7.52
N TYR J 13 37.05 -6.62 6.50
CA TYR J 13 36.40 -7.92 6.73
C TYR J 13 37.14 -8.72 7.80
N CYS J 14 38.47 -8.68 7.77
CA CYS J 14 39.26 -9.28 8.85
C CYS J 14 38.86 -8.72 10.20
N TYR J 15 38.61 -7.41 10.27
CA TYR J 15 38.20 -6.79 11.53
C TYR J 15 36.79 -7.17 11.91
N GLU J 16 35.86 -7.12 10.95
CA GLU J 16 34.45 -7.38 11.25
C GLU J 16 34.24 -8.80 11.74
N GLU J 17 34.84 -9.78 11.06
CA GLU J 17 34.64 -11.18 11.41
C GLU J 17 35.69 -11.64 12.41
N ALA K 2 -15.56 10.42 -26.85
CA ALA K 2 -15.62 11.74 -27.49
C ALA K 2 -15.56 12.84 -26.42
N PHE K 3 -16.17 13.99 -26.67
CA PHE K 3 -16.04 15.10 -25.70
C PHE K 3 -16.66 14.67 -24.39
N THR K 4 -15.82 14.17 -23.48
CA THR K 4 -16.30 13.83 -22.15
C THR K 4 -15.80 14.87 -21.17
N VAL K 5 -16.66 15.27 -20.24
CA VAL K 5 -16.20 16.07 -19.11
C VAL K 5 -16.15 15.16 -17.90
N THR K 6 -15.03 15.22 -17.17
CA THR K 6 -14.81 14.40 -15.99
C THR K 6 -14.70 15.30 -14.78
N VAL K 7 -14.94 14.74 -13.60
CA VAL K 7 -14.73 15.42 -12.33
C VAL K 7 -13.76 14.58 -11.50
N PRO K 8 -12.71 15.17 -10.93
CA PRO K 8 -11.80 14.40 -10.07
C PRO K 8 -12.53 13.75 -8.92
N LYS K 9 -13.18 14.56 -8.09
CA LYS K 9 -14.13 14.04 -7.12
C LYS K 9 -15.50 14.68 -7.36
N ASP K 10 -16.54 13.99 -6.89
CA ASP K 10 -17.92 14.43 -7.11
C ASP K 10 -18.60 14.89 -5.83
N LEU K 11 -17.88 14.97 -4.73
CA LEU K 11 -18.47 15.38 -3.46
C LEU K 11 -17.41 16.17 -2.72
N TYR K 12 -17.71 17.39 -2.33
CA TYR K 12 -16.80 18.17 -1.52
C TYR K 12 -17.46 18.48 -0.19
N VAL K 13 -16.79 18.15 0.91
CA VAL K 13 -17.23 18.54 2.23
C VAL K 13 -16.29 19.65 2.69
N VAL K 14 -16.83 20.85 2.91
CA VAL K 14 -15.99 22.01 3.17
C VAL K 14 -16.48 22.71 4.42
N GLU K 15 -15.55 23.36 5.13
CA GLU K 15 -15.90 24.11 6.33
C GLU K 15 -16.31 25.52 5.95
N TYR K 16 -17.34 26.03 6.63
CA TYR K 16 -17.77 27.41 6.49
C TYR K 16 -16.59 28.36 6.64
N GLY K 17 -16.52 29.34 5.73
CA GLY K 17 -15.51 30.36 5.74
C GLY K 17 -14.21 29.99 5.05
N SER K 18 -14.07 28.74 4.60
CA SER K 18 -12.89 28.35 3.86
C SER K 18 -13.03 28.78 2.39
N ASN K 19 -11.99 28.53 1.61
CA ASN K 19 -12.04 28.64 0.17
C ASN K 19 -12.08 27.23 -0.44
N MET K 20 -12.91 27.06 -1.46
CA MET K 20 -13.01 25.78 -2.13
C MET K 20 -12.71 25.93 -3.62
N THR K 21 -12.13 24.89 -4.20
CA THR K 21 -11.89 24.78 -5.63
C THR K 21 -12.48 23.48 -6.13
N ILE K 22 -13.46 23.55 -7.03
CA ILE K 22 -14.07 22.38 -7.64
C ILE K 22 -13.68 22.37 -9.12
N GLU K 23 -13.49 21.17 -9.67
CA GLU K 23 -12.83 21.01 -10.96
C GLU K 23 -13.67 20.14 -11.89
N CYS K 24 -13.64 20.48 -13.18
CA CYS K 24 -14.12 19.64 -14.26
C CYS K 24 -13.04 19.55 -15.33
N LYS K 25 -12.76 18.33 -15.82
CA LYS K 25 -11.71 18.18 -16.82
C LYS K 25 -12.34 17.93 -18.17
N PHE K 26 -11.69 18.41 -19.22
CA PHE K 26 -12.19 18.23 -20.58
C PHE K 26 -11.03 18.06 -21.55
N PRO K 27 -11.27 17.45 -22.70
CA PRO K 27 -10.18 17.11 -23.64
C PRO K 27 -9.76 18.33 -24.46
N VAL K 28 -8.46 18.59 -24.53
CA VAL K 28 -7.91 19.67 -25.37
C VAL K 28 -6.72 19.20 -26.21
N LEU K 32 -4.70 25.50 -26.85
CA LEU K 32 -6.13 25.69 -26.59
C LEU K 32 -6.73 26.72 -27.54
N ASP K 33 -7.87 26.36 -28.14
CA ASP K 33 -8.63 27.25 -29.01
C ASP K 33 -9.69 27.96 -28.15
N LEU K 34 -9.33 29.15 -27.66
CA LEU K 34 -10.21 29.87 -26.74
C LEU K 34 -11.50 30.32 -27.43
N ALA K 35 -11.46 30.53 -28.75
CA ALA K 35 -12.67 30.85 -29.51
C ALA K 35 -13.72 29.75 -29.36
N ALA K 36 -13.28 28.49 -29.29
CA ALA K 36 -14.16 27.34 -29.30
C ALA K 36 -14.74 27.05 -27.92
N LEU K 37 -14.10 27.54 -26.86
CA LEU K 37 -14.39 27.08 -25.51
C LEU K 37 -15.58 27.84 -24.94
N ILE K 38 -16.55 27.10 -24.40
CA ILE K 38 -17.67 27.64 -23.66
C ILE K 38 -17.77 26.91 -22.32
N VAL K 39 -17.82 27.67 -21.23
CA VAL K 39 -17.94 27.15 -19.88
C VAL K 39 -19.10 27.83 -19.15
N TYR K 40 -19.93 27.04 -18.46
CA TYR K 40 -20.99 27.56 -17.61
C TYR K 40 -20.97 26.81 -16.29
N TRP K 41 -20.91 27.55 -15.19
CA TRP K 41 -21.10 26.98 -13.87
C TRP K 41 -22.40 27.46 -13.29
N GLU K 42 -23.20 26.52 -12.79
CA GLU K 42 -24.50 26.82 -12.22
C GLU K 42 -24.62 25.96 -10.97
N MET K 43 -25.32 26.48 -9.97
CA MET K 43 -25.72 25.67 -8.85
C MET K 43 -27.14 26.04 -8.50
N GLU K 44 -28.00 25.02 -8.32
CA GLU K 44 -29.40 25.24 -7.93
C GLU K 44 -29.99 26.08 -9.05
N ASP K 45 -30.66 27.17 -8.77
CA ASP K 45 -31.16 28.04 -9.82
C ASP K 45 -30.33 29.32 -9.97
N LYS K 46 -29.07 29.30 -9.55
CA LYS K 46 -28.21 30.47 -9.51
C LYS K 46 -27.16 30.43 -10.62
N ASN K 47 -27.04 31.52 -11.37
CA ASN K 47 -26.01 31.64 -12.40
C ASN K 47 -24.67 31.95 -11.77
N ILE K 48 -23.72 31.01 -11.80
CA ILE K 48 -22.41 31.27 -11.18
C ILE K 48 -21.48 31.91 -12.20
N ILE K 49 -21.22 31.19 -13.29
CA ILE K 49 -20.18 31.55 -14.25
C ILE K 49 -20.72 31.36 -15.66
N GLN K 50 -20.57 32.38 -16.50
CA GLN K 50 -20.83 32.26 -17.94
C GLN K 50 -19.59 32.68 -18.72
N PHE K 51 -18.90 31.70 -19.31
CA PHE K 51 -17.70 31.94 -20.11
C PHE K 51 -17.92 31.34 -21.49
N VAL K 52 -17.79 32.17 -22.53
CA VAL K 52 -18.06 31.70 -23.88
C VAL K 52 -17.28 32.53 -24.89
N HIS K 53 -16.81 31.86 -25.96
CA HIS K 53 -16.07 32.54 -27.03
C HIS K 53 -14.95 33.43 -26.51
N GLY K 54 -14.26 32.95 -25.49
CA GLY K 54 -13.11 33.60 -24.94
C GLY K 54 -13.37 34.77 -24.02
N GLU K 55 -14.61 35.05 -23.62
CA GLU K 55 -14.84 36.20 -22.74
C GLU K 55 -15.83 35.74 -21.68
N GLU K 56 -15.62 36.17 -20.43
CA GLU K 56 -16.59 36.06 -19.34
C GLU K 56 -17.67 37.18 -19.34
N ASP K 57 -18.81 36.90 -18.69
CA ASP K 57 -19.84 37.90 -18.38
C ASP K 57 -20.12 37.87 -16.87
N LEU K 58 -19.86 38.98 -16.20
CA LEU K 58 -20.05 39.04 -14.76
C LEU K 58 -21.42 39.56 -14.35
N LYS K 59 -22.15 40.21 -15.26
CA LYS K 59 -23.49 40.66 -14.89
C LYS K 59 -24.47 39.50 -14.84
N VAL K 60 -24.29 38.48 -15.66
CA VAL K 60 -25.21 37.35 -15.65
C VAL K 60 -25.09 36.57 -14.36
N GLN K 61 -23.95 36.71 -13.68
CA GLN K 61 -23.70 35.99 -12.43
C GLN K 61 -24.72 36.37 -11.37
N HIS K 62 -25.17 35.37 -10.61
CA HIS K 62 -26.09 35.65 -9.51
C HIS K 62 -25.43 36.58 -8.51
N SER K 63 -26.20 37.51 -7.94
CA SER K 63 -25.60 38.51 -7.08
C SER K 63 -24.93 37.91 -5.85
N SER K 64 -25.40 36.76 -5.36
CA SER K 64 -24.72 36.23 -4.18
C SER K 64 -23.26 35.83 -4.44
N TYR K 65 -22.88 35.59 -5.70
CA TYR K 65 -21.51 35.20 -6.01
C TYR K 65 -20.63 36.30 -6.56
N ARG K 66 -21.14 37.53 -6.71
CA ARG K 66 -20.32 38.56 -7.33
C ARG K 66 -19.06 38.81 -6.51
N GLN K 67 -17.92 38.78 -7.21
CA GLN K 67 -16.59 39.00 -6.64
C GLN K 67 -16.23 37.92 -5.61
N ARG K 68 -17.16 37.01 -5.32
CA ARG K 68 -16.88 35.89 -4.43
C ARG K 68 -16.57 34.59 -5.15
N ALA K 69 -17.00 34.43 -6.40
CA ALA K 69 -16.77 33.23 -7.19
C ALA K 69 -16.26 33.62 -8.57
N ARG K 70 -15.22 32.94 -9.04
CA ARG K 70 -14.70 33.23 -10.37
C ARG K 70 -13.99 32.00 -10.92
N LEU K 71 -13.95 31.92 -12.25
CA LEU K 71 -13.35 30.78 -12.93
C LEU K 71 -11.86 31.02 -13.15
N LEU K 72 -11.05 30.02 -12.81
CA LEU K 72 -9.60 30.11 -12.85
C LEU K 72 -9.13 29.89 -14.29
N LYS K 73 -8.75 30.98 -14.95
CA LYS K 73 -8.45 30.93 -16.38
C LYS K 73 -7.32 29.98 -16.70
N ASP K 74 -6.19 30.14 -16.01
CA ASP K 74 -4.96 29.45 -16.38
C ASP K 74 -5.07 27.93 -16.31
N GLN K 75 -6.10 27.39 -15.67
CA GLN K 75 -6.31 25.95 -15.67
C GLN K 75 -6.98 25.47 -16.95
N LEU K 76 -7.62 26.37 -17.69
CA LEU K 76 -8.34 25.98 -18.90
C LEU K 76 -7.42 25.37 -19.95
N SER K 77 -6.26 25.98 -20.18
CA SER K 77 -5.31 25.46 -21.16
C SER K 77 -4.86 24.04 -20.85
N LEU K 78 -5.10 23.55 -19.64
CA LEU K 78 -4.88 22.16 -19.25
C LEU K 78 -6.13 21.33 -19.37
N GLY K 79 -7.21 21.90 -19.90
CA GLY K 79 -8.46 21.17 -19.93
C GLY K 79 -9.14 21.10 -18.59
N ASN K 80 -8.95 22.10 -17.74
CA ASN K 80 -9.52 22.12 -16.40
C ASN K 80 -10.32 23.40 -16.21
N ALA K 81 -11.62 23.23 -16.03
CA ALA K 81 -12.55 24.30 -15.64
C ALA K 81 -12.68 24.27 -14.13
N ALA K 82 -11.96 25.17 -13.45
CA ALA K 82 -11.84 25.14 -12.01
C ALA K 82 -12.56 26.34 -11.42
N LEU K 83 -13.67 26.08 -10.74
CA LEU K 83 -14.44 27.14 -10.10
C LEU K 83 -13.96 27.25 -8.66
N GLN K 84 -13.43 28.41 -8.29
CA GLN K 84 -13.04 28.73 -6.93
C GLN K 84 -14.07 29.66 -6.30
N ILE K 85 -14.52 29.32 -5.10
CA ILE K 85 -15.39 30.18 -4.32
C ILE K 85 -14.67 30.50 -3.01
N THR K 86 -14.50 31.78 -2.73
CA THR K 86 -13.87 32.26 -1.52
C THR K 86 -14.95 32.54 -0.50
N ASP K 87 -14.62 32.36 0.77
CA ASP K 87 -15.55 32.68 1.86
C ASP K 87 -16.87 31.94 1.69
N VAL K 88 -16.78 30.62 1.81
CA VAL K 88 -17.94 29.76 1.60
C VAL K 88 -18.99 30.07 2.65
N LYS K 89 -20.25 30.14 2.24
CA LYS K 89 -21.37 30.43 3.12
C LYS K 89 -22.21 29.18 3.22
N LEU K 90 -23.09 29.14 4.22
CA LEU K 90 -23.99 27.99 4.35
C LEU K 90 -24.81 27.80 3.08
N GLN K 91 -25.24 28.91 2.49
CA GLN K 91 -26.06 28.90 1.29
C GLN K 91 -25.26 28.53 0.03
N ASP K 92 -23.94 28.34 0.13
CA ASP K 92 -23.15 27.77 -0.95
C ASP K 92 -23.21 26.25 -1.02
N ALA K 93 -23.82 25.61 -0.03
CA ALA K 93 -24.07 24.17 -0.08
C ALA K 93 -25.11 23.87 -1.15
N GLY K 94 -24.92 22.78 -1.86
CA GLY K 94 -25.89 22.37 -2.85
C GLY K 94 -25.21 21.66 -4.00
N VAL K 95 -25.96 21.56 -5.10
CA VAL K 95 -25.53 20.81 -6.27
C VAL K 95 -25.03 21.80 -7.30
N TYR K 96 -23.80 21.60 -7.75
CA TYR K 96 -23.19 22.43 -8.77
C TYR K 96 -23.14 21.65 -10.08
N ARG K 97 -22.93 22.36 -11.18
CA ARG K 97 -22.91 21.72 -12.48
C ARG K 97 -22.10 22.58 -13.44
N CYS K 98 -20.98 22.03 -13.91
CA CYS K 98 -20.21 22.65 -14.97
C CYS K 98 -20.76 22.18 -16.31
N MET K 99 -20.87 23.10 -17.26
CA MET K 99 -21.25 22.76 -18.62
C MET K 99 -20.18 23.33 -19.54
N ILE K 100 -19.52 22.45 -20.29
CA ILE K 100 -18.38 22.84 -21.13
C ILE K 100 -18.70 22.51 -22.58
N SER K 101 -18.52 23.49 -23.46
CA SER K 101 -18.53 23.28 -24.90
C SER K 101 -17.15 23.57 -25.46
N TYR K 102 -16.60 22.61 -26.20
CA TYR K 102 -15.29 22.78 -26.83
C TYR K 102 -15.26 21.87 -28.05
N GLY K 103 -15.97 22.30 -29.10
CA GLY K 103 -16.30 21.43 -30.20
C GLY K 103 -17.51 20.61 -29.82
N GLY K 104 -17.28 19.53 -29.09
CA GLY K 104 -18.36 18.83 -28.44
C GLY K 104 -18.77 19.51 -27.17
N ALA K 105 -19.79 18.95 -26.53
CA ALA K 105 -20.31 19.50 -25.29
C ALA K 105 -20.69 18.39 -24.32
N ASP K 106 -20.50 18.67 -23.04
CA ASP K 106 -20.88 17.76 -21.97
C ASP K 106 -20.96 18.54 -20.68
N TYR K 107 -21.50 17.89 -19.65
CA TYR K 107 -21.61 18.45 -18.32
C TYR K 107 -21.53 17.35 -17.27
N LYS K 108 -21.19 17.77 -16.04
CA LYS K 108 -21.23 16.89 -14.88
C LYS K 108 -21.78 17.65 -13.68
N ARG K 109 -22.25 16.89 -12.69
CA ARG K 109 -22.73 17.45 -11.43
C ARG K 109 -21.79 17.12 -10.27
N ILE K 110 -21.63 18.08 -9.38
CA ILE K 110 -20.81 17.97 -8.17
C ILE K 110 -21.63 18.47 -7.00
N THR K 111 -21.63 17.74 -5.90
CA THR K 111 -22.29 18.16 -4.68
C THR K 111 -21.28 18.80 -3.75
N VAL K 112 -21.67 19.92 -3.15
CA VAL K 112 -20.90 20.58 -2.11
C VAL K 112 -21.68 20.57 -0.81
N LYS K 113 -21.04 20.16 0.28
CA LYS K 113 -21.62 20.27 1.61
C LYS K 113 -20.78 21.23 2.43
N VAL K 114 -21.43 22.12 3.17
CA VAL K 114 -20.72 23.13 3.96
C VAL K 114 -21.00 22.87 5.43
N ASN K 115 -19.94 22.63 6.20
CA ASN K 115 -20.03 22.45 7.65
C ASN K 115 -19.81 23.78 8.38
N ALA K 116 -20.31 23.86 9.62
CA ALA K 116 -20.07 25.04 10.44
C ALA K 116 -20.16 24.61 11.89
N PRO K 117 -19.18 24.98 12.73
CA PRO K 117 -19.15 24.60 14.15
C PRO K 117 -20.35 25.10 14.93
N ASP L 1 -26.92 23.28 -27.51
CA ASP L 1 -26.68 22.93 -26.11
C ASP L 1 -26.10 24.12 -25.36
N PRO L 2 -25.00 24.71 -25.86
CA PRO L 2 -24.61 26.02 -25.32
C PRO L 2 -25.65 27.08 -25.60
N ALA L 3 -26.36 26.95 -26.72
CA ALA L 3 -27.53 27.79 -26.98
C ALA L 3 -28.53 27.67 -25.84
N LEU L 4 -28.92 26.45 -25.50
CA LEU L 4 -29.88 26.24 -24.43
C LEU L 4 -29.35 26.78 -23.10
N TRP L 5 -28.06 26.58 -22.83
CA TRP L 5 -27.52 27.03 -21.55
C TRP L 5 -27.53 28.55 -21.45
N GLN L 6 -27.17 29.24 -22.54
CA GLN L 6 -27.22 30.69 -22.51
C GLN L 6 -28.65 31.19 -22.50
N CYS L 7 -29.58 30.42 -23.08
CA CYS L 7 -31.00 30.73 -22.95
C CYS L 7 -31.42 30.78 -21.49
N VAL L 8 -30.99 29.82 -20.70
CA VAL L 8 -31.43 29.75 -19.32
C VAL L 8 -30.65 30.73 -18.45
N PHE L 9 -29.34 30.83 -18.67
CA PHE L 9 -28.54 31.79 -17.91
C PHE L 9 -29.06 33.21 -18.12
N ALA L 10 -29.47 33.53 -19.34
CA ALA L 10 -30.00 34.87 -19.60
C ALA L 10 -31.39 35.03 -19.01
N ALA L 11 -32.20 33.97 -19.04
CA ALA L 11 -33.54 34.03 -18.47
C ALA L 11 -33.49 34.31 -16.98
N ARG L 12 -32.59 33.65 -16.26
CA ARG L 12 -32.54 33.83 -14.81
C ARG L 12 -31.98 35.20 -14.43
N TYR L 13 -30.91 35.63 -15.10
CA TYR L 13 -30.39 36.97 -14.83
C TYR L 13 -31.45 38.01 -15.07
N CYS L 14 -32.20 37.87 -16.16
CA CYS L 14 -33.32 38.76 -16.40
C CYS L 14 -34.29 38.73 -15.23
N TYR L 15 -34.53 37.55 -14.66
CA TYR L 15 -35.47 37.43 -13.55
C TYR L 15 -34.89 38.04 -12.27
N GLU L 16 -33.63 37.72 -11.96
CA GLU L 16 -33.03 38.25 -10.76
C GLU L 16 -32.87 39.76 -10.83
N GLU L 17 -32.89 40.34 -12.03
CA GLU L 17 -32.72 41.77 -12.18
C GLU L 17 -34.00 42.40 -12.72
#